data_9F8U
#
_entry.id   9F8U
#
_cell.length_a   81.371
_cell.length_b   81.769
_cell.length_c   169.985
_cell.angle_alpha   90.000
_cell.angle_beta   90.000
_cell.angle_gamma   90.000
#
_symmetry.space_group_name_H-M   'P 21 21 21'
#
loop_
_entity.id
_entity.type
_entity.pdbx_description
1 polymer 'N-glycosylase/DNA lyase'
2 non-polymer 2-azanyl-8-methyl-3,7-dihydropurine-6-thione
3 non-polymer 'NICKEL (II) ION'
4 non-polymer 'SULFATE ION'
5 water water
#
_entity_poly.entity_id   1
_entity_poly.type   'polypeptide(L)'
_entity_poly.pdbx_seq_one_letter_code
;GSHMRHRTLSSSPALWASIPCPRSELRLDLVLASGQSFRWKEQSPAHWSGVLADQVWTLTQTEDQLYCTVYRGDDSQVSR
PTLEELETLHKYFQLDVSLAQLYSHWASVDSHFQRVAQKFQGVRLLRQDPTECLFSFICSSNNNIARITGMVERLCQAFG
PRLIQLDDVTYHGFPNLHALAGPEAETHLRKLGLGYRARYVRASAKAILEEQGGPAWLQQLRVAPYEEAHKALCTLPGVG
AKVADCICLMALDKPQAVPVDVHVWQIAHRDYGWHPKTSQAKGPSPLANKELGNFFRNLWGPYAGWAQAVLFSADLRQ
;
_entity_poly.pdbx_strand_id   A,B,C
#
# COMPACT_ATOMS: atom_id res chain seq x y z
N HIS A 3 27.10 9.78 37.40
CA HIS A 3 28.24 10.72 37.58
C HIS A 3 28.42 11.57 36.32
N MET A 4 28.56 10.90 35.17
CA MET A 4 28.69 11.57 33.88
C MET A 4 27.39 11.38 33.10
N ARG A 5 27.09 12.33 32.22
CA ARG A 5 25.75 12.44 31.65
C ARG A 5 25.84 12.39 30.11
N HIS A 6 24.74 11.97 29.48
CA HIS A 6 24.62 12.02 28.03
C HIS A 6 24.58 13.47 27.56
N ARG A 7 25.61 13.87 26.81
CA ARG A 7 25.71 15.21 26.26
C ARG A 7 24.62 15.46 25.21
N THR A 8 24.13 16.70 25.19
CA THR A 8 23.42 17.24 24.04
C THR A 8 24.27 18.38 23.49
N LEU A 9 23.84 18.95 22.36
CA LEU A 9 24.58 20.00 21.68
C LEU A 9 24.38 21.32 22.40
N SER A 10 23.16 21.55 22.92
CA SER A 10 22.85 22.70 23.76
C SER A 10 23.67 22.68 25.06
N SER A 11 23.77 21.50 25.68
CA SER A 11 24.36 21.37 27.01
C SER A 11 25.83 21.77 27.00
N SER A 12 26.63 21.10 26.16
CA SER A 12 28.08 21.17 26.24
C SER A 12 28.69 21.40 24.86
N PRO A 13 28.28 22.48 24.14
CA PRO A 13 28.68 22.69 22.75
C PRO A 13 30.19 22.86 22.54
N ALA A 14 30.91 23.14 23.62
CA ALA A 14 32.37 23.19 23.59
C ALA A 14 32.93 21.88 23.03
N LEU A 15 32.39 20.76 23.51
CA LEU A 15 33.02 19.46 23.39
C LEU A 15 32.73 18.80 22.04
N TRP A 16 31.75 19.32 21.30
CA TRP A 16 31.36 18.74 20.02
C TRP A 16 32.30 19.21 18.90
N ALA A 17 32.35 18.42 17.81
CA ALA A 17 32.98 18.81 16.57
C ALA A 17 32.03 18.47 15.43
N SER A 18 32.35 18.92 14.20
CA SER A 18 31.42 18.81 13.09
C SER A 18 32.12 18.26 11.85
N ILE A 19 31.34 17.53 11.04
CA ILE A 19 31.75 17.13 9.69
C ILE A 19 30.71 17.67 8.72
N PRO A 20 31.15 18.30 7.61
CA PRO A 20 30.21 18.83 6.60
C PRO A 20 29.50 17.67 5.91
N CYS A 21 28.18 17.60 6.11
CA CYS A 21 27.40 16.49 5.62
C CYS A 21 25.91 16.85 5.55
N PRO A 22 25.35 17.00 4.32
CA PRO A 22 23.93 17.33 4.18
C PRO A 22 23.03 16.22 4.71
N ARG A 23 21.82 16.62 5.12
CA ARG A 23 20.77 15.72 5.56
C ARG A 23 20.46 14.69 4.47
N SER A 24 20.79 15.06 3.22
CA SER A 24 20.42 14.27 2.05
C SER A 24 21.41 13.14 1.80
N GLU A 25 22.61 13.25 2.39
CA GLU A 25 23.61 12.20 2.29
C GLU A 25 23.48 11.22 3.45
N LEU A 26 22.84 11.66 4.56
CA LEU A 26 22.73 10.85 5.76
C LEU A 26 21.61 11.37 6.65
N ARG A 27 20.62 10.52 6.88
CA ARG A 27 19.67 10.72 7.96
C ARG A 27 19.95 9.69 9.05
N LEU A 28 20.52 10.17 10.16
CA LEU A 28 20.87 9.36 11.31
C LEU A 28 19.67 8.52 11.77
N ASP A 29 18.51 9.16 11.80
CA ASP A 29 17.31 8.54 12.35
C ASP A 29 16.81 7.41 11.45
N LEU A 30 17.29 7.35 10.21
CA LEU A 30 16.89 6.30 9.27
C LEU A 30 17.96 5.20 9.18
N VAL A 31 19.19 5.49 9.61
CA VAL A 31 20.33 4.62 9.37
C VAL A 31 20.69 3.84 10.63
N LEU A 32 20.53 4.46 11.80
CA LEU A 32 21.15 3.95 13.01
C LEU A 32 20.26 2.95 13.74
N ALA A 33 18.97 2.89 13.42
CA ALA A 33 18.07 1.97 14.10
C ALA A 33 17.15 1.27 13.10
N SER A 34 17.63 1.10 11.86
CA SER A 34 16.80 0.53 10.82
C SER A 34 17.33 -0.84 10.39
N GLY A 35 18.16 -1.45 11.23
CA GLY A 35 18.54 -2.86 11.06
C GLY A 35 19.91 -3.04 10.43
N GLN A 36 20.82 -2.08 10.66
CA GLN A 36 22.20 -2.24 10.25
C GLN A 36 23.05 -2.54 11.48
N SER A 37 23.31 -1.50 12.27
CA SER A 37 23.86 -1.60 13.62
C SER A 37 22.71 -1.65 14.62
N PHE A 38 22.93 -2.37 15.73
CA PHE A 38 21.99 -2.48 16.83
C PHE A 38 22.57 -1.81 18.08
N ARG A 39 23.58 -0.93 17.89
CA ARG A 39 24.35 -0.38 18.99
C ARG A 39 24.07 1.11 19.19
N TRP A 40 23.01 1.66 18.60
CA TRP A 40 22.73 3.08 18.69
C TRP A 40 21.33 3.30 19.26
N LYS A 41 21.20 4.24 20.22
CA LYS A 41 19.91 4.60 20.77
C LYS A 41 19.79 6.12 20.94
N GLU A 42 18.57 6.60 20.69
CA GLU A 42 18.22 8.00 20.80
C GLU A 42 17.92 8.32 22.26
N GLN A 43 18.98 8.63 23.04
CA GLN A 43 18.84 8.79 24.47
C GLN A 43 18.07 10.08 24.76
N SER A 44 18.44 11.15 24.07
CA SER A 44 17.67 12.38 24.06
C SER A 44 17.33 12.72 22.61
N PRO A 45 16.22 13.46 22.35
CA PRO A 45 15.74 13.65 20.97
C PRO A 45 16.84 14.12 20.03
N ALA A 46 16.98 13.43 18.89
CA ALA A 46 17.90 13.79 17.84
C ALA A 46 19.36 13.55 18.25
N HIS A 47 19.56 12.86 19.38
CA HIS A 47 20.90 12.60 19.88
C HIS A 47 21.09 11.09 20.03
N TRP A 48 21.89 10.53 19.12
CA TRP A 48 22.11 9.11 19.06
C TRP A 48 23.41 8.76 19.76
N SER A 49 23.34 7.85 20.73
CA SER A 49 24.52 7.44 21.44
C SER A 49 24.75 5.94 21.25
N GLY A 50 26.02 5.57 21.10
CA GLY A 50 26.39 4.19 20.86
C GLY A 50 27.89 4.01 20.91
N VAL A 51 28.35 2.75 20.94
CA VAL A 51 29.77 2.47 20.99
C VAL A 51 30.27 2.23 19.57
N LEU A 52 31.54 2.57 19.36
CA LEU A 52 32.18 2.47 18.08
C LEU A 52 33.68 2.26 18.32
N ALA A 53 34.12 1.00 18.13
CA ALA A 53 35.51 0.65 18.23
C ALA A 53 36.06 0.98 19.61
N ASP A 54 35.35 0.51 20.65
CA ASP A 54 35.82 0.62 22.02
C ASP A 54 35.85 2.07 22.51
N GLN A 55 34.97 2.91 21.95
CA GLN A 55 34.71 4.23 22.48
C GLN A 55 33.22 4.54 22.34
N VAL A 56 32.73 5.51 23.12
CA VAL A 56 31.33 5.90 23.03
C VAL A 56 31.22 7.23 22.31
N TRP A 57 30.13 7.40 21.55
CA TRP A 57 29.90 8.60 20.76
C TRP A 57 28.46 9.06 20.98
N THR A 58 28.26 10.39 20.94
CA THR A 58 26.93 10.91 20.70
C THR A 58 26.97 11.67 19.37
N LEU A 59 25.91 11.47 18.56
CA LEU A 59 25.82 12.02 17.23
C LEU A 59 24.49 12.77 17.10
N THR A 60 24.55 13.94 16.45
CA THR A 60 23.38 14.70 16.06
C THR A 60 23.72 15.48 14.79
N GLN A 61 22.68 16.00 14.12
CA GLN A 61 22.90 16.68 12.85
C GLN A 61 21.88 17.80 12.64
N THR A 62 22.31 18.79 11.87
CA THR A 62 21.44 19.85 11.36
C THR A 62 21.08 19.50 9.91
N GLU A 63 20.80 20.51 9.08
CA GLU A 63 20.44 20.27 7.69
C GLU A 63 21.69 20.09 6.83
N ASP A 64 22.86 20.53 7.31
CA ASP A 64 24.07 20.42 6.53
C ASP A 64 25.32 20.14 7.37
N GLN A 65 25.14 19.70 8.63
CA GLN A 65 26.29 19.41 9.47
C GLN A 65 26.03 18.16 10.30
N LEU A 66 27.05 17.28 10.39
CA LEU A 66 27.02 16.16 11.31
C LEU A 66 27.87 16.50 12.53
N TYR A 67 27.21 16.66 13.67
CA TYR A 67 27.88 17.02 14.92
C TYR A 67 28.12 15.75 15.72
N CYS A 68 29.30 15.67 16.35
CA CYS A 68 29.68 14.47 17.09
C CYS A 68 30.60 14.81 18.26
N THR A 69 30.51 13.98 19.32
CA THR A 69 31.33 14.11 20.52
C THR A 69 31.73 12.72 21.01
N VAL A 70 32.91 12.63 21.67
CA VAL A 70 33.48 11.35 22.07
C VAL A 70 33.69 11.32 23.57
N TYR A 71 33.38 10.15 24.18
CA TYR A 71 33.72 9.85 25.56
C TYR A 71 34.80 8.77 25.56
N ARG A 72 36.03 9.16 25.92
CA ARG A 72 37.16 8.22 25.91
C ARG A 72 36.90 7.07 26.90
N GLY A 73 36.25 7.37 28.03
CA GLY A 73 35.82 6.33 28.96
C GLY A 73 36.63 6.36 30.26
N ASP A 74 37.94 6.15 30.12
CA ASP A 74 38.86 6.16 31.26
C ASP A 74 38.89 7.56 31.86
N ASP A 75 39.58 7.69 33.00
CA ASP A 75 39.67 8.95 33.71
C ASP A 75 40.42 9.95 32.84
N SER A 76 39.65 10.75 32.07
CA SER A 76 40.20 11.48 30.95
C SER A 76 40.00 12.98 31.10
N GLN A 77 40.70 13.73 30.25
CA GLN A 77 40.50 15.16 30.09
C GLN A 77 39.54 15.38 28.92
N VAL A 78 38.23 15.40 29.23
CA VAL A 78 37.18 15.48 28.23
C VAL A 78 37.52 16.55 27.18
N SER A 79 37.94 16.10 25.99
CA SER A 79 38.27 16.99 24.89
C SER A 79 37.31 16.78 23.72
N ARG A 80 37.41 17.65 22.72
CA ARG A 80 36.71 17.45 21.45
C ARG A 80 37.26 16.23 20.74
N PRO A 81 36.51 15.63 19.79
CA PRO A 81 37.04 14.58 18.92
C PRO A 81 38.33 15.04 18.21
N THR A 82 39.33 14.15 18.14
CA THR A 82 40.55 14.43 17.41
C THR A 82 40.28 14.34 15.91
N LEU A 83 41.33 14.55 15.10
CA LEU A 83 41.23 14.43 13.65
C LEU A 83 41.04 12.95 13.27
N GLU A 84 41.81 12.07 13.91
CA GLU A 84 41.77 10.65 13.60
C GLU A 84 40.42 10.06 13.95
N GLU A 85 39.83 10.53 15.04
CA GLU A 85 38.52 10.08 15.47
C GLU A 85 37.45 10.56 14.48
N LEU A 86 37.67 11.73 13.88
CA LEU A 86 36.75 12.26 12.89
C LEU A 86 36.88 11.47 11.58
N GLU A 87 38.09 11.00 11.28
CA GLU A 87 38.31 10.13 10.12
C GLU A 87 37.61 8.79 10.33
N THR A 88 37.69 8.26 11.56
CA THR A 88 37.06 7.00 11.92
C THR A 88 35.55 7.07 11.65
N LEU A 89 34.94 8.20 11.98
CA LEU A 89 33.51 8.40 11.78
C LEU A 89 33.18 8.62 10.30
N HIS A 90 34.15 9.17 9.55
CA HIS A 90 33.98 9.43 8.13
C HIS A 90 33.93 8.10 7.40
N LYS A 91 34.86 7.21 7.72
CA LYS A 91 34.93 5.88 7.12
C LYS A 91 33.71 5.05 7.53
N TYR A 92 33.23 5.25 8.75
CA TYR A 92 32.11 4.49 9.28
C TYR A 92 30.85 4.75 8.48
N PHE A 93 30.63 6.00 8.06
CA PHE A 93 29.47 6.36 7.25
C PHE A 93 29.80 6.34 5.76
N GLN A 94 30.99 5.86 5.38
CA GLN A 94 31.44 5.78 3.99
C GLN A 94 31.02 7.04 3.23
N LEU A 95 31.44 8.20 3.76
CA LEU A 95 30.95 9.50 3.31
C LEU A 95 31.59 9.93 1.98
N ASP A 96 32.68 9.27 1.57
CA ASP A 96 33.26 9.43 0.25
C ASP A 96 32.25 9.09 -0.86
N VAL A 97 31.36 8.14 -0.60
CA VAL A 97 30.32 7.74 -1.54
C VAL A 97 29.22 8.81 -1.55
N SER A 98 28.91 9.32 -2.74
CA SER A 98 27.80 10.23 -2.93
C SER A 98 26.50 9.42 -3.09
N LEU A 99 25.62 9.53 -2.09
CA LEU A 99 24.34 8.87 -2.12
C LEU A 99 23.38 9.56 -3.09
N ALA A 100 23.60 10.87 -3.33
CA ALA A 100 22.76 11.62 -4.25
C ALA A 100 22.85 11.04 -5.66
N GLN A 101 24.07 10.72 -6.12
CA GLN A 101 24.27 10.16 -7.45
C GLN A 101 23.79 8.72 -7.50
N LEU A 102 23.92 7.96 -6.40
CA LEU A 102 23.42 6.60 -6.37
C LEU A 102 21.90 6.62 -6.46
N TYR A 103 21.25 7.51 -5.71
CA TYR A 103 19.79 7.56 -5.69
C TYR A 103 19.23 7.84 -7.09
N SER A 104 19.87 8.76 -7.81
CA SER A 104 19.40 9.15 -9.14
C SER A 104 19.70 8.04 -10.14
N HIS A 105 20.85 7.38 -9.98
CA HIS A 105 21.27 6.30 -10.87
C HIS A 105 20.30 5.12 -10.79
N TRP A 106 19.89 4.74 -9.57
CA TRP A 106 18.89 3.70 -9.37
C TRP A 106 17.51 4.18 -9.85
N ALA A 107 17.20 5.46 -9.60
CA ALA A 107 15.90 6.03 -9.95
C ALA A 107 15.66 5.96 -11.46
N SER A 108 16.72 6.14 -12.26
CA SER A 108 16.58 6.22 -13.71
C SER A 108 16.12 4.90 -14.34
N VAL A 109 16.18 3.78 -13.60
CA VAL A 109 15.72 2.51 -14.14
C VAL A 109 14.56 1.95 -13.33
N ASP A 110 14.10 2.69 -12.30
CA ASP A 110 13.20 2.11 -11.32
C ASP A 110 12.35 3.21 -10.69
N SER A 111 11.09 3.29 -11.17
CA SER A 111 10.16 4.34 -10.80
C SER A 111 9.67 4.14 -9.37
N HIS A 112 9.48 2.89 -8.97
CA HIS A 112 9.08 2.57 -7.61
C HIS A 112 10.08 3.17 -6.63
N PHE A 113 11.38 3.00 -6.91
CA PHE A 113 12.44 3.54 -6.07
C PHE A 113 12.33 5.06 -6.02
N GLN A 114 12.02 5.66 -7.17
CA GLN A 114 11.93 7.11 -7.29
C GLN A 114 10.91 7.64 -6.29
N ARG A 115 9.74 6.98 -6.22
CA ARG A 115 8.67 7.40 -5.32
C ARG A 115 9.13 7.31 -3.86
N VAL A 116 9.64 6.13 -3.46
CA VAL A 116 10.00 5.90 -2.07
C VAL A 116 11.12 6.87 -1.67
N ALA A 117 12.13 7.01 -2.52
CA ALA A 117 13.32 7.80 -2.24
C ALA A 117 12.99 9.27 -1.93
N GLN A 118 11.84 9.76 -2.43
CA GLN A 118 11.35 11.08 -2.09
C GLN A 118 11.35 11.26 -0.57
N LYS A 119 10.77 10.29 0.14
CA LYS A 119 10.50 10.41 1.56
C LYS A 119 11.63 9.83 2.40
N PHE A 120 12.52 9.04 1.79
CA PHE A 120 13.52 8.29 2.53
C PHE A 120 14.92 8.58 1.97
N GLN A 121 15.38 9.80 2.20
CA GLN A 121 16.69 10.23 1.74
C GLN A 121 17.70 9.97 2.84
N GLY A 122 18.97 9.87 2.45
CA GLY A 122 20.05 9.74 3.40
C GLY A 122 20.10 8.37 4.08
N VAL A 123 19.53 7.34 3.44
CA VAL A 123 19.77 5.97 3.86
C VAL A 123 21.03 5.48 3.14
N ARG A 124 22.11 5.31 3.90
CA ARG A 124 23.37 4.80 3.38
C ARG A 124 23.83 3.64 4.25
N LEU A 125 24.92 2.98 3.85
CA LEU A 125 25.40 1.80 4.55
C LEU A 125 26.56 2.19 5.45
N LEU A 126 26.47 1.75 6.70
CA LEU A 126 27.58 1.82 7.64
C LEU A 126 28.62 0.78 7.22
N ARG A 127 29.90 1.10 7.41
CA ARG A 127 30.95 0.11 7.31
C ARG A 127 31.26 -0.42 8.71
N GLN A 128 30.69 -1.57 9.04
CA GLN A 128 30.76 -2.12 10.39
C GLN A 128 31.98 -3.03 10.52
N ASP A 129 32.41 -3.23 11.78
CA ASP A 129 33.39 -4.24 12.13
C ASP A 129 32.82 -5.61 11.79
N PRO A 130 33.59 -6.49 11.11
CA PRO A 130 33.14 -7.83 10.78
C PRO A 130 32.63 -8.74 11.90
N THR A 131 33.39 -8.80 13.01
CA THR A 131 33.03 -9.65 14.14
C THR A 131 31.67 -9.23 14.68
N GLU A 132 31.50 -7.92 14.87
CA GLU A 132 30.31 -7.39 15.51
C GLU A 132 29.11 -7.63 14.61
N CYS A 133 29.32 -7.52 13.30
CA CYS A 133 28.23 -7.67 12.35
C CYS A 133 27.84 -9.14 12.27
N LEU A 134 28.85 -10.02 12.25
CA LEU A 134 28.64 -11.46 12.13
C LEU A 134 27.73 -11.92 13.26
N PHE A 135 28.14 -11.68 14.52
CA PHE A 135 27.43 -12.23 15.66
C PHE A 135 26.11 -11.50 15.89
N SER A 136 26.02 -10.23 15.48
CA SER A 136 24.74 -9.56 15.53
C SER A 136 23.77 -10.22 14.55
N PHE A 137 24.27 -10.61 13.37
CA PHE A 137 23.35 -11.12 12.36
C PHE A 137 23.01 -12.60 12.61
N ILE A 138 23.84 -13.31 13.39
CA ILE A 138 23.48 -14.63 13.86
C ILE A 138 22.32 -14.51 14.86
N CYS A 139 22.20 -13.37 15.54
CA CYS A 139 21.09 -13.17 16.46
C CYS A 139 19.82 -12.77 15.71
N SER A 140 19.87 -12.63 14.38
CA SER A 140 18.78 -12.01 13.63
C SER A 140 17.75 -13.03 13.16
N SER A 141 18.10 -14.31 13.19
CA SER A 141 17.17 -15.35 12.77
C SER A 141 15.89 -15.26 13.61
N ASN A 142 14.74 -15.27 12.92
CA ASN A 142 13.41 -15.31 13.53
C ASN A 142 13.36 -14.31 14.67
N ASN A 143 13.57 -13.04 14.32
CA ASN A 143 13.78 -12.02 15.32
C ASN A 143 13.38 -10.69 14.70
N ASN A 144 13.12 -9.70 15.54
CA ASN A 144 12.91 -8.33 15.09
C ASN A 144 14.04 -7.48 15.64
N ILE A 145 14.14 -6.25 15.13
CA ILE A 145 15.20 -5.34 15.49
C ILE A 145 15.27 -5.17 17.00
N ALA A 146 14.13 -4.87 17.63
CA ALA A 146 14.11 -4.51 19.04
C ALA A 146 14.74 -5.61 19.90
N ARG A 147 14.36 -6.87 19.62
CA ARG A 147 14.86 -8.00 20.38
C ARG A 147 16.33 -8.24 20.09
N ILE A 148 16.73 -8.10 18.81
CA ILE A 148 18.13 -8.28 18.45
C ILE A 148 18.96 -7.29 19.25
N THR A 149 18.49 -6.04 19.29
CA THR A 149 19.10 -4.97 20.07
C THR A 149 19.34 -5.42 21.51
N GLY A 150 18.31 -6.00 22.13
CA GLY A 150 18.38 -6.44 23.52
C GLY A 150 19.43 -7.53 23.73
N MET A 151 19.42 -8.54 22.85
CA MET A 151 20.32 -9.67 22.96
C MET A 151 21.76 -9.21 22.81
N VAL A 152 21.99 -8.26 21.89
CA VAL A 152 23.33 -7.81 21.59
C VAL A 152 23.86 -6.98 22.75
N GLU A 153 22.97 -6.21 23.39
CA GLU A 153 23.35 -5.35 24.50
C GLU A 153 23.82 -6.22 25.68
N ARG A 154 23.01 -7.21 26.05
CA ARG A 154 23.31 -8.08 27.17
C ARG A 154 24.56 -8.90 26.87
N LEU A 155 24.72 -9.34 25.61
CA LEU A 155 25.87 -10.15 25.22
C LEU A 155 27.14 -9.35 25.45
N CYS A 156 27.10 -8.06 25.08
CA CYS A 156 28.24 -7.18 25.26
C CYS A 156 28.49 -6.86 26.73
N GLN A 157 27.43 -6.70 27.54
CA GLN A 157 27.62 -6.43 28.96
C GLN A 157 28.22 -7.66 29.63
N ALA A 158 27.83 -8.86 29.18
CA ALA A 158 28.21 -10.11 29.80
C ALA A 158 29.61 -10.55 29.38
N PHE A 159 30.03 -10.25 28.14
CA PHE A 159 31.26 -10.81 27.62
C PHE A 159 32.28 -9.75 27.23
N GLY A 160 31.82 -8.50 27.07
CA GLY A 160 32.66 -7.45 26.52
C GLY A 160 33.20 -6.53 27.60
N PRO A 161 34.35 -5.84 27.34
CA PRO A 161 34.98 -4.96 28.32
C PRO A 161 34.16 -3.70 28.56
N ARG A 162 34.05 -3.30 29.82
CA ARG A 162 33.27 -2.14 30.22
C ARG A 162 33.99 -0.87 29.78
N LEU A 163 33.23 0.05 29.18
CA LEU A 163 33.84 1.27 28.66
C LEU A 163 33.54 2.46 29.57
N ILE A 164 32.26 2.78 29.78
CA ILE A 164 31.86 3.97 30.53
C ILE A 164 30.39 3.87 30.89
N GLN A 165 29.96 4.67 31.88
CA GLN A 165 28.55 4.80 32.20
C GLN A 165 28.09 6.24 31.94
N LEU A 166 26.89 6.38 31.38
CA LEU A 166 26.27 7.67 31.13
C LEU A 166 24.80 7.58 31.55
N ASP A 167 24.39 8.44 32.50
CA ASP A 167 23.08 8.29 33.14
C ASP A 167 23.00 6.86 33.69
N ASP A 168 21.94 6.12 33.35
CA ASP A 168 21.75 4.77 33.86
C ASP A 168 22.18 3.70 32.85
N VAL A 169 22.91 4.12 31.81
CA VAL A 169 23.29 3.22 30.73
C VAL A 169 24.78 2.90 30.85
N THR A 170 25.12 1.60 30.86
CA THR A 170 26.52 1.20 30.88
C THR A 170 26.90 0.67 29.50
N TYR A 171 28.05 1.14 28.99
CA TYR A 171 28.50 0.84 27.63
C TYR A 171 29.67 -0.14 27.68
N HIS A 172 29.54 -1.24 26.92
CA HIS A 172 30.56 -2.26 26.81
C HIS A 172 30.97 -2.48 25.35
N GLY A 173 32.26 -2.75 25.12
CA GLY A 173 32.76 -3.07 23.80
C GLY A 173 32.31 -4.46 23.34
N PHE A 174 32.41 -4.72 22.03
CA PHE A 174 32.02 -6.02 21.52
C PHE A 174 33.08 -7.04 21.93
N PRO A 175 32.67 -8.25 22.36
CA PRO A 175 33.63 -9.27 22.77
C PRO A 175 34.53 -9.75 21.64
N ASN A 176 35.75 -10.17 22.01
CA ASN A 176 36.60 -10.93 21.10
C ASN A 176 36.08 -12.35 20.99
N LEU A 177 36.58 -13.07 19.99
CA LEU A 177 36.10 -14.40 19.64
C LEU A 177 36.39 -15.36 20.79
N HIS A 178 37.57 -15.25 21.39
CA HIS A 178 37.95 -16.14 22.47
C HIS A 178 36.87 -16.11 23.56
N ALA A 179 36.36 -14.91 23.86
CA ALA A 179 35.40 -14.73 24.94
C ALA A 179 34.09 -15.45 24.65
N LEU A 180 33.71 -15.55 23.37
CA LEU A 180 32.44 -16.17 22.98
C LEU A 180 32.60 -17.68 22.75
N ALA A 181 33.84 -18.16 22.67
CA ALA A 181 34.13 -19.53 22.26
C ALA A 181 34.23 -20.49 23.45
N GLY A 182 34.24 -20.00 24.69
CA GLY A 182 34.64 -20.80 25.83
C GLY A 182 33.58 -21.82 26.21
N PRO A 183 33.90 -22.77 27.12
CA PRO A 183 33.02 -23.88 27.45
C PRO A 183 31.75 -23.54 28.24
N GLU A 184 31.68 -22.33 28.82
CA GLU A 184 30.49 -21.91 29.54
C GLU A 184 29.70 -20.87 28.74
N ALA A 185 30.10 -20.58 27.49
CA ALA A 185 29.56 -19.43 26.76
C ALA A 185 28.13 -19.68 26.30
N GLU A 186 27.85 -20.88 25.78
CA GLU A 186 26.51 -21.21 25.30
C GLU A 186 25.50 -21.14 26.46
N THR A 187 25.86 -21.69 27.63
CA THR A 187 24.97 -21.72 28.78
C THR A 187 24.64 -20.30 29.25
N HIS A 188 25.67 -19.45 29.33
CA HIS A 188 25.51 -18.07 29.73
C HIS A 188 24.61 -17.34 28.73
N LEU A 189 24.79 -17.62 27.44
CA LEU A 189 24.06 -16.92 26.38
C LEU A 189 22.59 -17.32 26.39
N ARG A 190 22.26 -18.55 26.79
CA ARG A 190 20.87 -18.93 26.93
C ARG A 190 20.24 -18.15 28.09
N LYS A 191 20.99 -18.00 29.18
CA LYS A 191 20.55 -17.23 30.33
C LYS A 191 20.19 -15.82 29.88
N LEU A 192 20.93 -15.30 28.89
CA LEU A 192 20.73 -13.94 28.41
C LEU A 192 19.59 -13.84 27.39
N GLY A 193 18.97 -14.97 27.03
CA GLY A 193 17.70 -14.99 26.32
C GLY A 193 17.84 -15.23 24.82
N LEU A 194 19.04 -15.68 24.39
CA LEU A 194 19.35 -15.83 22.97
C LEU A 194 18.67 -17.08 22.41
N GLY A 195 18.29 -18.01 23.30
CA GLY A 195 17.68 -19.27 22.87
C GLY A 195 18.66 -20.11 22.07
N TYR A 196 18.18 -20.68 20.95
CA TYR A 196 18.96 -21.55 20.08
C TYR A 196 20.14 -20.80 19.46
N ARG A 197 20.08 -19.46 19.41
CA ARG A 197 21.14 -18.69 18.77
C ARG A 197 22.41 -18.77 19.62
N ALA A 198 22.26 -19.09 20.91
CA ALA A 198 23.38 -19.30 21.81
C ALA A 198 24.36 -20.31 21.23
N ARG A 199 23.84 -21.41 20.67
CA ARG A 199 24.70 -22.47 20.17
C ARG A 199 25.47 -21.95 18.94
N TYR A 200 24.77 -21.20 18.09
CA TYR A 200 25.38 -20.74 16.85
C TYR A 200 26.49 -19.72 17.13
N VAL A 201 26.26 -18.87 18.13
CA VAL A 201 27.26 -17.88 18.53
C VAL A 201 28.53 -18.58 19.01
N ARG A 202 28.40 -19.52 19.97
CA ARG A 202 29.59 -20.13 20.51
C ARG A 202 30.30 -20.93 19.43
N ALA A 203 29.54 -21.72 18.66
CA ALA A 203 30.07 -22.60 17.62
C ALA A 203 30.80 -21.82 16.52
N SER A 204 30.26 -20.67 16.10
CA SER A 204 30.90 -19.88 15.06
C SER A 204 32.15 -19.18 15.61
N ALA A 205 32.10 -18.74 16.88
CA ALA A 205 33.27 -18.18 17.54
C ALA A 205 34.41 -19.20 17.57
N LYS A 206 34.07 -20.43 17.97
CA LYS A 206 35.02 -21.52 18.07
C LYS A 206 35.54 -21.89 16.67
N ALA A 207 34.66 -21.85 15.66
CA ALA A 207 35.00 -22.26 14.30
C ALA A 207 35.95 -21.26 13.65
N ILE A 208 35.74 -19.95 13.87
CA ILE A 208 36.62 -18.95 13.27
C ILE A 208 38.00 -19.03 13.90
N LEU A 209 38.08 -19.26 15.22
CA LEU A 209 39.37 -19.44 15.87
C LEU A 209 40.09 -20.64 15.26
N GLU A 210 39.50 -21.83 15.43
CA GLU A 210 40.20 -23.08 15.24
C GLU A 210 40.30 -23.48 13.76
N GLU A 211 39.23 -23.25 12.99
CA GLU A 211 39.16 -23.67 11.59
C GLU A 211 39.64 -22.57 10.66
N GLN A 212 39.52 -21.30 11.05
CA GLN A 212 39.87 -20.22 10.14
C GLN A 212 41.01 -19.34 10.67
N GLY A 213 41.45 -19.53 11.92
CA GLY A 213 42.62 -18.81 12.42
C GLY A 213 42.31 -17.38 12.87
N GLY A 214 41.10 -17.16 13.40
CA GLY A 214 40.78 -15.92 14.10
C GLY A 214 40.40 -14.80 13.14
N PRO A 215 40.33 -13.54 13.63
CA PRO A 215 39.62 -12.48 12.93
C PRO A 215 40.29 -11.95 11.66
N ALA A 216 41.57 -12.31 11.42
CA ALA A 216 42.24 -11.93 10.20
C ALA A 216 41.56 -12.57 9.00
N TRP A 217 40.91 -13.71 9.23
CA TRP A 217 40.10 -14.39 8.23
C TRP A 217 39.01 -13.47 7.67
N LEU A 218 38.30 -12.77 8.57
CA LEU A 218 37.24 -11.88 8.17
C LEU A 218 37.83 -10.72 7.37
N GLN A 219 39.06 -10.34 7.71
CA GLN A 219 39.77 -9.32 6.93
C GLN A 219 40.04 -9.85 5.51
N GLN A 220 40.51 -11.10 5.40
CA GLN A 220 40.71 -11.70 4.09
C GLN A 220 39.43 -11.60 3.26
N LEU A 221 38.27 -11.91 3.87
CA LEU A 221 37.01 -11.91 3.15
C LEU A 221 36.66 -10.50 2.69
N ARG A 222 37.20 -9.47 3.36
CA ARG A 222 36.98 -8.10 2.96
C ARG A 222 37.63 -7.80 1.61
N VAL A 223 38.77 -8.43 1.31
CA VAL A 223 39.44 -8.21 0.04
C VAL A 223 39.07 -9.29 -0.97
N ALA A 224 38.69 -10.49 -0.49
CA ALA A 224 38.19 -11.53 -1.37
C ALA A 224 36.98 -11.06 -2.17
N PRO A 225 36.74 -11.61 -3.38
CA PRO A 225 35.52 -11.29 -4.11
C PRO A 225 34.28 -11.78 -3.37
N TYR A 226 33.16 -11.10 -3.68
CA TYR A 226 31.89 -11.21 -2.97
C TYR A 226 31.47 -12.67 -2.85
N GLU A 227 31.47 -13.36 -3.98
CA GLU A 227 30.93 -14.71 -4.07
C GLU A 227 31.73 -15.62 -3.15
N GLU A 228 33.06 -15.43 -3.10
CA GLU A 228 33.93 -16.24 -2.25
C GLU A 228 33.58 -15.98 -0.79
N ALA A 229 33.47 -14.70 -0.41
CA ALA A 229 33.18 -14.32 0.96
C ALA A 229 31.86 -14.94 1.40
N HIS A 230 30.84 -14.84 0.55
CA HIS A 230 29.51 -15.35 0.84
C HIS A 230 29.56 -16.85 1.15
N LYS A 231 30.29 -17.59 0.31
CA LYS A 231 30.38 -19.05 0.42
C LYS A 231 31.09 -19.41 1.74
N ALA A 232 32.12 -18.66 2.09
CA ALA A 232 32.92 -18.94 3.27
C ALA A 232 32.13 -18.65 4.54
N LEU A 233 31.40 -17.53 4.54
CA LEU A 233 30.53 -17.20 5.65
C LEU A 233 29.51 -18.33 5.87
N CYS A 234 28.97 -18.88 4.78
CA CYS A 234 27.87 -19.85 4.85
C CYS A 234 28.33 -21.19 5.43
N THR A 235 29.64 -21.38 5.66
CA THR A 235 30.12 -22.58 6.32
C THR A 235 29.96 -22.48 7.84
N LEU A 236 29.63 -21.30 8.36
CA LEU A 236 29.59 -21.09 9.81
C LEU A 236 28.24 -21.50 10.38
N PRO A 237 28.21 -22.10 11.60
CA PRO A 237 26.94 -22.39 12.27
C PRO A 237 26.03 -21.17 12.40
N GLY A 238 24.78 -21.31 11.96
CA GLY A 238 23.79 -20.24 12.07
C GLY A 238 23.86 -19.21 10.95
N VAL A 239 24.80 -19.36 10.01
CA VAL A 239 24.95 -18.41 8.93
C VAL A 239 24.49 -19.04 7.60
N GLY A 240 23.36 -18.54 7.08
CA GLY A 240 22.96 -18.84 5.70
C GLY A 240 23.05 -17.62 4.78
N ALA A 241 22.33 -17.69 3.65
CA ALA A 241 22.43 -16.71 2.59
C ALA A 241 22.09 -15.31 3.06
N LYS A 242 20.97 -15.17 3.80
CA LYS A 242 20.51 -13.87 4.24
C LYS A 242 21.57 -13.25 5.17
N VAL A 243 21.96 -13.99 6.20
CA VAL A 243 22.91 -13.50 7.18
C VAL A 243 24.21 -13.18 6.44
N ALA A 244 24.66 -14.13 5.60
CA ALA A 244 25.92 -13.97 4.89
C ALA A 244 25.88 -12.73 4.01
N ASP A 245 24.74 -12.46 3.36
CA ASP A 245 24.62 -11.30 2.51
C ASP A 245 24.61 -10.02 3.33
N CYS A 246 24.01 -10.05 4.53
CA CYS A 246 23.98 -8.85 5.36
C CYS A 246 25.40 -8.50 5.78
N ILE A 247 26.20 -9.52 6.12
CA ILE A 247 27.57 -9.30 6.55
C ILE A 247 28.38 -8.79 5.37
N CYS A 248 28.18 -9.41 4.21
CA CYS A 248 28.89 -9.00 2.99
C CYS A 248 28.62 -7.52 2.71
N LEU A 249 27.34 -7.13 2.73
CA LEU A 249 26.95 -5.76 2.44
C LEU A 249 27.47 -4.78 3.50
N MET A 250 27.52 -5.19 4.77
CA MET A 250 27.56 -4.23 5.86
C MET A 250 28.96 -4.15 6.48
N ALA A 251 29.83 -5.12 6.19
CA ALA A 251 31.12 -5.21 6.86
C ALA A 251 32.25 -5.71 5.94
N LEU A 252 31.95 -6.31 4.79
CA LEU A 252 32.99 -6.82 3.91
C LEU A 252 33.03 -6.06 2.58
N ASP A 253 32.43 -4.86 2.53
CA ASP A 253 32.55 -3.99 1.37
C ASP A 253 32.12 -4.71 0.09
N LYS A 254 30.97 -5.38 0.14
CA LYS A 254 30.35 -5.95 -1.04
C LYS A 254 29.05 -5.20 -1.33
N PRO A 255 29.09 -4.01 -1.96
CA PRO A 255 27.88 -3.22 -2.19
C PRO A 255 26.81 -3.93 -3.02
N GLN A 256 27.21 -4.97 -3.76
CA GLN A 256 26.27 -5.69 -4.61
C GLN A 256 25.51 -6.79 -3.85
N ALA A 257 25.87 -7.02 -2.58
CA ALA A 257 25.20 -8.05 -1.79
C ALA A 257 23.77 -7.63 -1.47
N VAL A 258 22.80 -8.47 -1.85
CA VAL A 258 21.39 -8.20 -1.67
C VAL A 258 20.79 -9.27 -0.75
N PRO A 259 20.66 -9.03 0.59
CA PRO A 259 19.99 -9.95 1.49
C PRO A 259 18.53 -10.18 1.10
N VAL A 260 18.14 -11.45 1.02
CA VAL A 260 16.77 -11.81 0.70
C VAL A 260 16.13 -12.46 1.91
N ASP A 261 15.30 -11.67 2.62
CA ASP A 261 14.53 -12.08 3.79
C ASP A 261 13.06 -12.02 3.41
N VAL A 262 12.17 -12.05 4.42
CA VAL A 262 10.74 -12.02 4.18
C VAL A 262 10.34 -10.65 3.64
N HIS A 263 10.96 -9.58 4.15
CA HIS A 263 10.68 -8.24 3.67
C HIS A 263 11.00 -8.06 2.18
N VAL A 264 12.20 -8.42 1.70
CA VAL A 264 12.52 -8.09 0.32
C VAL A 264 11.82 -9.08 -0.61
N TRP A 265 11.50 -10.29 -0.12
CA TRP A 265 10.68 -11.19 -0.89
C TRP A 265 9.32 -10.53 -1.17
N GLN A 266 8.80 -9.85 -0.15
CA GLN A 266 7.46 -9.28 -0.19
C GLN A 266 7.46 -8.02 -1.04
N ILE A 267 8.49 -7.18 -0.84
CA ILE A 267 8.71 -5.98 -1.63
C ILE A 267 8.75 -6.35 -3.11
N ALA A 268 9.56 -7.36 -3.45
CA ALA A 268 9.74 -7.81 -4.82
C ALA A 268 8.39 -8.13 -5.46
N HIS A 269 7.60 -8.96 -4.77
CA HIS A 269 6.32 -9.41 -5.29
C HIS A 269 5.34 -8.23 -5.39
N ARG A 270 5.13 -7.55 -4.26
CA ARG A 270 4.09 -6.54 -4.16
C ARG A 270 4.42 -5.35 -5.05
N ASP A 271 5.66 -4.88 -4.97
CA ASP A 271 6.03 -3.60 -5.54
C ASP A 271 6.63 -3.75 -6.94
N TYR A 272 7.23 -4.91 -7.26
CA TYR A 272 7.90 -5.11 -8.54
C TYR A 272 7.18 -6.14 -9.40
N GLY A 273 6.24 -6.88 -8.80
CA GLY A 273 5.49 -7.87 -9.56
C GLY A 273 6.35 -9.05 -9.98
N TRP A 274 7.47 -9.24 -9.25
CA TRP A 274 8.42 -10.30 -9.56
C TRP A 274 7.90 -11.61 -9.00
N HIS A 275 8.07 -12.68 -9.80
CA HIS A 275 7.89 -14.06 -9.38
C HIS A 275 9.12 -14.82 -9.82
N PRO A 276 9.49 -15.95 -9.16
CA PRO A 276 10.62 -16.76 -9.60
C PRO A 276 10.27 -17.41 -10.95
N LYS A 277 11.13 -17.16 -11.94
CA LYS A 277 10.85 -17.53 -13.32
C LYS A 277 11.33 -18.97 -13.52
N THR A 278 12.62 -19.20 -13.23
CA THR A 278 13.29 -20.47 -13.46
C THR A 278 12.96 -21.46 -12.34
N SER A 279 12.07 -21.06 -11.41
CA SER A 279 11.50 -21.98 -10.45
C SER A 279 10.02 -22.18 -10.77
N GLN A 280 9.55 -23.42 -10.58
CA GLN A 280 8.14 -23.77 -10.74
C GLN A 280 7.44 -23.64 -9.39
N ALA A 281 8.13 -24.08 -8.33
CA ALA A 281 7.71 -23.79 -6.96
C ALA A 281 7.49 -22.28 -6.83
N LYS A 282 6.38 -21.90 -6.20
CA LYS A 282 5.88 -20.54 -6.27
C LYS A 282 6.53 -19.67 -5.20
N GLY A 283 6.75 -20.23 -4.01
CA GLY A 283 7.14 -19.46 -2.83
C GLY A 283 8.65 -19.42 -2.60
N PRO A 284 9.09 -19.00 -1.40
CA PRO A 284 10.52 -18.90 -1.10
C PRO A 284 11.26 -20.24 -1.18
N SER A 285 12.56 -20.15 -1.43
CA SER A 285 13.47 -21.28 -1.41
C SER A 285 14.89 -20.72 -1.57
N PRO A 286 15.95 -21.49 -1.27
CA PRO A 286 17.32 -21.03 -1.53
C PRO A 286 17.57 -20.59 -2.97
N LEU A 287 17.10 -21.41 -3.93
CA LEU A 287 17.27 -21.12 -5.35
C LEU A 287 16.53 -19.84 -5.73
N ALA A 288 15.23 -19.77 -5.40
CA ALA A 288 14.41 -18.61 -5.71
C ALA A 288 14.97 -17.34 -5.08
N ASN A 289 15.48 -17.46 -3.85
CA ASN A 289 16.03 -16.32 -3.15
C ASN A 289 17.30 -15.83 -3.85
N LYS A 290 18.14 -16.77 -4.30
CA LYS A 290 19.35 -16.42 -5.02
C LYS A 290 18.97 -15.75 -6.34
N GLU A 291 17.95 -16.31 -7.00
CA GLU A 291 17.42 -15.73 -8.22
C GLU A 291 16.96 -14.28 -7.97
N LEU A 292 16.30 -14.01 -6.83
CA LEU A 292 15.76 -12.68 -6.59
C LEU A 292 16.91 -11.71 -6.37
N GLY A 293 17.98 -12.18 -5.71
CA GLY A 293 19.18 -11.39 -5.53
C GLY A 293 19.80 -10.97 -6.86
N ASN A 294 19.84 -11.92 -7.81
CA ASN A 294 20.36 -11.65 -9.14
C ASN A 294 19.48 -10.62 -9.82
N PHE A 295 18.16 -10.74 -9.65
CA PHE A 295 17.23 -9.82 -10.27
C PHE A 295 17.59 -8.39 -9.87
N PHE A 296 17.80 -8.16 -8.56
CA PHE A 296 18.04 -6.81 -8.07
C PHE A 296 19.39 -6.29 -8.54
N ARG A 297 20.38 -7.17 -8.70
CA ARG A 297 21.69 -6.73 -9.14
C ARG A 297 21.59 -6.25 -10.59
N ASN A 298 20.82 -7.00 -11.39
CA ASN A 298 20.64 -6.71 -12.79
C ASN A 298 19.97 -5.34 -12.96
N LEU A 299 18.97 -5.05 -12.12
CA LEU A 299 18.21 -3.83 -12.20
C LEU A 299 19.03 -2.64 -11.67
N TRP A 300 19.62 -2.77 -10.47
CA TRP A 300 20.21 -1.63 -9.78
C TRP A 300 21.70 -1.48 -10.05
N GLY A 301 22.39 -2.59 -10.27
CA GLY A 301 23.81 -2.54 -10.61
C GLY A 301 24.70 -2.90 -9.43
N PRO A 302 26.00 -2.50 -9.45
CA PRO A 302 26.94 -3.01 -8.45
C PRO A 302 26.75 -2.45 -7.04
N TYR A 303 25.89 -1.44 -6.85
CA TYR A 303 25.50 -1.02 -5.52
C TYR A 303 24.05 -1.40 -5.21
N ALA A 304 23.64 -2.61 -5.61
CA ALA A 304 22.26 -3.06 -5.41
C ALA A 304 21.94 -3.20 -3.93
N GLY A 305 22.92 -3.63 -3.13
CA GLY A 305 22.78 -3.78 -1.70
C GLY A 305 22.33 -2.50 -1.01
N TRP A 306 22.87 -1.36 -1.47
CA TRP A 306 22.58 -0.07 -0.86
C TRP A 306 21.15 0.36 -1.18
N ALA A 307 20.75 0.18 -2.45
CA ALA A 307 19.38 0.46 -2.87
C ALA A 307 18.42 -0.37 -2.03
N GLN A 308 18.78 -1.65 -1.86
CA GLN A 308 17.97 -2.59 -1.11
C GLN A 308 17.77 -2.09 0.31
N ALA A 309 18.80 -1.45 0.87
CA ALA A 309 18.75 -0.95 2.23
C ALA A 309 17.78 0.22 2.33
N VAL A 310 17.66 1.00 1.27
CA VAL A 310 16.73 2.12 1.24
C VAL A 310 15.29 1.59 1.35
N LEU A 311 15.02 0.49 0.63
CA LEU A 311 13.67 -0.07 0.57
C LEU A 311 13.37 -0.81 1.86
N PHE A 312 14.36 -1.55 2.38
CA PHE A 312 14.19 -2.29 3.62
C PHE A 312 13.85 -1.30 4.74
N SER A 313 14.62 -0.22 4.80
CA SER A 313 14.45 0.81 5.81
C SER A 313 13.07 1.45 5.72
N ALA A 314 12.54 1.58 4.49
CA ALA A 314 11.27 2.25 4.24
C ALA A 314 10.10 1.31 4.54
N ASP A 315 10.36 0.00 4.50
CA ASP A 315 9.33 -1.01 4.70
C ASP A 315 9.14 -1.28 6.19
N LEU A 316 9.96 -0.65 7.03
CA LEU A 316 9.75 -0.70 8.47
C LEU A 316 8.76 0.39 8.88
N ARG A 317 8.94 1.60 8.34
CA ARG A 317 8.16 2.77 8.73
C ARG A 317 6.82 2.78 8.00
N GLN A 318 5.92 1.85 8.38
CA GLN A 318 4.58 1.75 7.82
C GLN A 318 4.64 1.91 6.28
N HIS B 3 5.45 44.37 -22.34
CA HIS B 3 4.92 43.04 -21.94
C HIS B 3 3.75 43.23 -20.98
N MET B 4 3.14 42.10 -20.59
CA MET B 4 1.91 42.07 -19.81
C MET B 4 2.15 41.19 -18.59
N ARG B 5 1.20 41.16 -17.64
CA ARG B 5 1.37 40.38 -16.42
C ARG B 5 0.45 39.16 -16.41
N HIS B 6 0.86 38.15 -15.63
CA HIS B 6 0.03 36.98 -15.37
C HIS B 6 -1.15 37.40 -14.49
N ARG B 7 -2.36 37.22 -15.03
CA ARG B 7 -3.59 37.63 -14.36
C ARG B 7 -3.91 36.65 -13.24
N THR B 8 -4.42 37.20 -12.13
CA THR B 8 -5.17 36.44 -11.13
C THR B 8 -6.61 36.95 -11.18
N LEU B 9 -7.50 36.34 -10.39
CA LEU B 9 -8.91 36.69 -10.41
C LEU B 9 -9.13 37.98 -9.63
N SER B 10 -8.40 38.15 -8.51
CA SER B 10 -8.48 39.34 -7.69
C SER B 10 -7.82 40.54 -8.37
N SER B 11 -6.82 40.29 -9.22
CA SER B 11 -6.06 41.34 -9.87
C SER B 11 -6.85 41.99 -11.00
N SER B 12 -7.50 41.17 -11.83
CA SER B 12 -8.08 41.64 -13.07
C SER B 12 -9.48 41.04 -13.28
N PRO B 13 -10.35 41.03 -12.25
CA PRO B 13 -11.61 40.27 -12.27
C PRO B 13 -12.59 40.65 -13.39
N ALA B 14 -12.40 41.84 -13.98
CA ALA B 14 -13.19 42.27 -15.13
C ALA B 14 -13.01 41.27 -16.27
N LEU B 15 -11.76 40.91 -16.54
CA LEU B 15 -11.37 40.24 -17.79
C LEU B 15 -11.67 38.75 -17.77
N TRP B 16 -12.02 38.19 -16.61
CA TRP B 16 -12.34 36.77 -16.49
C TRP B 16 -13.79 36.50 -16.92
N ALA B 17 -13.99 35.42 -17.68
CA ALA B 17 -15.32 34.86 -17.94
C ALA B 17 -15.45 33.56 -17.16
N SER B 18 -16.58 32.84 -17.31
CA SER B 18 -16.82 31.64 -16.52
C SER B 18 -17.78 30.68 -17.24
N ILE B 19 -17.55 29.37 -17.01
CA ILE B 19 -18.48 28.33 -17.43
C ILE B 19 -18.93 27.56 -16.18
N PRO B 20 -20.25 27.28 -16.04
CA PRO B 20 -20.74 26.44 -14.95
C PRO B 20 -20.17 25.03 -15.08
N CYS B 21 -19.50 24.59 -14.01
CA CYS B 21 -18.81 23.31 -14.00
C CYS B 21 -18.39 22.96 -12.58
N PRO B 22 -18.97 21.90 -11.96
CA PRO B 22 -18.62 21.53 -10.59
C PRO B 22 -17.15 21.11 -10.45
N ARG B 23 -16.63 21.23 -9.23
CA ARG B 23 -15.29 20.74 -8.91
C ARG B 23 -15.28 19.22 -9.04
N SER B 24 -16.46 18.59 -8.95
CA SER B 24 -16.58 17.14 -9.03
C SER B 24 -16.45 16.66 -10.48
N GLU B 25 -16.71 17.54 -11.46
CA GLU B 25 -16.66 17.15 -12.86
C GLU B 25 -15.28 17.40 -13.46
N LEU B 26 -14.42 18.16 -12.74
CA LEU B 26 -13.12 18.56 -13.25
C LEU B 26 -12.31 19.27 -12.16
N ARG B 27 -11.22 18.63 -11.72
CA ARG B 27 -10.27 19.29 -10.84
C ARG B 27 -9.01 19.61 -11.64
N LEU B 28 -8.79 20.92 -11.87
CA LEU B 28 -7.70 21.42 -12.67
C LEU B 28 -6.36 20.92 -12.12
N ASP B 29 -6.22 20.90 -10.79
CA ASP B 29 -4.96 20.57 -10.15
C ASP B 29 -4.63 19.07 -10.35
N LEU B 30 -5.65 18.27 -10.65
CA LEU B 30 -5.46 16.84 -10.86
C LEU B 30 -5.37 16.48 -12.34
N VAL B 31 -5.75 17.40 -13.24
CA VAL B 31 -5.89 17.08 -14.66
C VAL B 31 -4.78 17.72 -15.49
N LEU B 32 -4.26 18.88 -15.07
CA LEU B 32 -3.44 19.70 -15.95
C LEU B 32 -1.95 19.38 -15.82
N ALA B 33 -1.55 18.73 -14.73
CA ALA B 33 -0.13 18.48 -14.48
C ALA B 33 0.07 17.04 -14.02
N SER B 34 -0.76 16.12 -14.53
CA SER B 34 -0.81 14.77 -14.00
C SER B 34 -0.50 13.74 -15.09
N GLY B 35 0.07 14.19 -16.21
CA GLY B 35 0.60 13.32 -17.25
C GLY B 35 -0.24 13.29 -18.52
N GLN B 36 -1.02 14.36 -18.79
CA GLN B 36 -1.84 14.43 -19.99
C GLN B 36 -1.27 15.47 -20.94
N SER B 37 -1.44 16.73 -20.55
CA SER B 37 -0.77 17.86 -21.17
C SER B 37 0.48 18.13 -20.34
N PHE B 38 1.51 18.71 -20.96
CA PHE B 38 2.69 19.11 -20.21
C PHE B 38 2.89 20.63 -20.31
N ARG B 39 1.86 21.35 -20.81
CA ARG B 39 2.00 22.75 -21.21
C ARG B 39 1.25 23.70 -20.26
N TRP B 40 0.97 23.25 -19.02
CA TRP B 40 0.19 24.04 -18.08
C TRP B 40 0.99 24.20 -16.79
N LYS B 41 1.05 25.43 -16.26
CA LYS B 41 1.83 25.70 -15.06
C LYS B 41 1.01 26.59 -14.13
N GLU B 42 1.16 26.33 -12.82
CA GLU B 42 0.44 27.05 -11.78
C GLU B 42 1.23 28.29 -11.41
N GLN B 43 1.10 29.36 -12.22
CA GLN B 43 1.96 30.53 -12.12
C GLN B 43 1.75 31.22 -10.78
N SER B 44 0.48 31.40 -10.39
CA SER B 44 0.13 31.80 -9.03
C SER B 44 -0.87 30.78 -8.47
N PRO B 45 -0.92 30.57 -7.13
CA PRO B 45 -1.75 29.51 -6.55
C PRO B 45 -3.18 29.48 -7.08
N ALA B 46 -3.57 28.30 -7.58
CA ALA B 46 -4.92 28.04 -8.09
C ALA B 46 -5.16 28.71 -9.44
N HIS B 47 -4.06 29.10 -10.12
CA HIS B 47 -4.16 29.78 -11.40
C HIS B 47 -3.22 29.14 -12.43
N TRP B 48 -3.83 28.39 -13.37
CA TRP B 48 -3.11 27.56 -14.31
C TRP B 48 -3.03 28.27 -15.66
N SER B 49 -1.82 28.40 -16.21
CA SER B 49 -1.61 29.15 -17.44
C SER B 49 -0.87 28.27 -18.46
N GLY B 50 -1.34 28.28 -19.72
CA GLY B 50 -0.76 27.47 -20.76
C GLY B 50 -1.24 27.85 -22.15
N VAL B 51 -0.69 27.20 -23.18
CA VAL B 51 -1.00 27.50 -24.57
C VAL B 51 -2.01 26.49 -25.10
N LEU B 52 -2.90 26.97 -25.98
CA LEU B 52 -3.89 26.17 -26.68
C LEU B 52 -4.11 26.77 -28.06
N ALA B 53 -3.78 26.01 -29.11
CA ALA B 53 -4.00 26.42 -30.48
C ALA B 53 -3.59 27.86 -30.73
N ASP B 54 -2.34 28.19 -30.38
CA ASP B 54 -1.72 29.46 -30.75
C ASP B 54 -2.29 30.62 -29.94
N GLN B 55 -2.75 30.35 -28.70
CA GLN B 55 -3.20 31.39 -27.79
C GLN B 55 -2.87 30.97 -26.37
N VAL B 56 -2.75 31.94 -25.46
CA VAL B 56 -2.44 31.64 -24.07
C VAL B 56 -3.71 31.80 -23.24
N TRP B 57 -3.74 31.11 -22.09
CA TRP B 57 -4.88 31.12 -21.18
C TRP B 57 -4.38 31.06 -19.74
N THR B 58 -5.17 31.66 -18.83
CA THR B 58 -5.07 31.30 -17.42
C THR B 58 -6.43 30.77 -16.99
N LEU B 59 -6.42 29.79 -16.07
CA LEU B 59 -7.61 29.07 -15.66
C LEU B 59 -7.61 28.94 -14.14
N THR B 60 -8.80 29.07 -13.56
CA THR B 60 -9.01 28.82 -12.14
C THR B 60 -10.46 28.41 -11.95
N GLN B 61 -10.80 27.96 -10.74
CA GLN B 61 -12.15 27.48 -10.48
C GLN B 61 -12.53 27.72 -9.02
N THR B 62 -13.85 27.75 -8.78
CA THR B 62 -14.41 27.65 -7.44
C THR B 62 -15.03 26.25 -7.32
N GLU B 63 -15.93 26.08 -6.34
CA GLU B 63 -16.58 24.80 -6.12
C GLU B 63 -17.63 24.54 -7.19
N ASP B 64 -17.97 25.58 -7.96
CA ASP B 64 -19.17 25.59 -8.77
C ASP B 64 -18.89 26.05 -10.20
N GLN B 65 -17.75 26.73 -10.42
CA GLN B 65 -17.51 27.49 -11.64
C GLN B 65 -16.07 27.30 -12.13
N LEU B 66 -15.90 27.20 -13.46
CA LEU B 66 -14.59 27.21 -14.10
C LEU B 66 -14.31 28.59 -14.69
N TYR B 67 -13.45 29.37 -14.02
CA TYR B 67 -13.10 30.72 -14.45
C TYR B 67 -11.88 30.67 -15.37
N CYS B 68 -11.86 31.57 -16.36
CA CYS B 68 -10.77 31.64 -17.32
C CYS B 68 -10.56 33.07 -17.82
N THR B 69 -9.44 33.29 -18.52
CA THR B 69 -9.13 34.53 -19.19
C THR B 69 -8.11 34.27 -20.29
N VAL B 70 -8.20 35.02 -21.39
CA VAL B 70 -7.43 34.72 -22.60
C VAL B 70 -6.53 35.91 -22.93
N TYR B 71 -5.33 35.62 -23.47
CA TYR B 71 -4.37 36.63 -23.90
C TYR B 71 -4.19 36.51 -25.41
N ARG B 72 -4.77 37.46 -26.16
CA ARG B 72 -4.85 37.36 -27.61
C ARG B 72 -3.46 37.52 -28.24
N GLY B 73 -2.83 38.69 -28.03
CA GLY B 73 -1.49 38.93 -28.53
C GLY B 73 -1.25 40.39 -28.88
N ASP B 74 -0.49 40.61 -29.97
CA ASP B 74 -0.14 41.93 -30.46
C ASP B 74 -1.41 42.73 -30.75
N ASP B 75 -2.47 42.01 -31.17
CA ASP B 75 -3.71 42.63 -31.65
C ASP B 75 -4.35 43.44 -30.52
N SER B 76 -3.99 43.12 -29.26
CA SER B 76 -4.23 43.98 -28.11
C SER B 76 -5.68 44.46 -28.06
N GLN B 77 -6.62 43.51 -28.06
CA GLN B 77 -8.04 43.79 -27.93
C GLN B 77 -8.45 43.74 -26.46
N VAL B 78 -7.54 43.23 -25.61
CA VAL B 78 -7.67 43.26 -24.14
C VAL B 78 -9.14 43.11 -23.73
N SER B 79 -9.81 42.08 -24.26
CA SER B 79 -11.19 41.79 -23.91
C SER B 79 -11.25 40.49 -23.09
N ARG B 80 -12.44 40.21 -22.55
CA ARG B 80 -12.72 38.92 -21.91
C ARG B 80 -12.75 37.83 -22.99
N PRO B 81 -12.73 36.53 -22.62
CA PRO B 81 -12.88 35.46 -23.59
C PRO B 81 -14.18 35.61 -24.37
N THR B 82 -14.12 35.36 -25.69
CA THR B 82 -15.30 35.35 -26.53
C THR B 82 -16.13 34.11 -26.20
N LEU B 83 -17.26 33.95 -26.91
CA LEU B 83 -18.11 32.77 -26.84
C LEU B 83 -17.37 31.56 -27.42
N GLU B 84 -16.83 31.73 -28.64
CA GLU B 84 -16.15 30.66 -29.36
C GLU B 84 -14.99 30.11 -28.53
N GLU B 85 -14.22 31.04 -27.94
CA GLU B 85 -13.07 30.70 -27.11
C GLU B 85 -13.53 29.97 -25.85
N LEU B 86 -14.73 30.30 -25.35
CA LEU B 86 -15.32 29.61 -24.21
C LEU B 86 -15.83 28.23 -24.63
N GLU B 87 -16.22 28.07 -25.91
CA GLU B 87 -16.68 26.78 -26.42
C GLU B 87 -15.48 25.88 -26.70
N THR B 88 -14.38 26.48 -27.17
CA THR B 88 -13.14 25.75 -27.39
C THR B 88 -12.70 25.05 -26.11
N LEU B 89 -12.77 25.78 -24.98
CA LEU B 89 -12.35 25.30 -23.68
C LEU B 89 -13.29 24.23 -23.16
N HIS B 90 -14.55 24.25 -23.63
CA HIS B 90 -15.54 23.26 -23.28
C HIS B 90 -15.20 21.93 -23.97
N LYS B 91 -14.84 21.99 -25.26
CA LYS B 91 -14.52 20.81 -26.06
C LYS B 91 -13.16 20.22 -25.65
N TYR B 92 -12.30 21.06 -25.06
CA TYR B 92 -10.99 20.63 -24.61
C TYR B 92 -11.13 19.75 -23.37
N PHE B 93 -12.06 20.13 -22.49
CA PHE B 93 -12.30 19.42 -21.24
C PHE B 93 -13.39 18.36 -21.42
N GLN B 94 -13.90 18.21 -22.65
CA GLN B 94 -14.89 17.19 -22.96
C GLN B 94 -15.99 17.20 -21.88
N LEU B 95 -16.63 18.36 -21.71
CA LEU B 95 -17.52 18.58 -20.58
C LEU B 95 -18.92 18.02 -20.87
N ASP B 96 -19.19 17.67 -22.13
CA ASP B 96 -20.41 16.94 -22.46
C ASP B 96 -20.46 15.64 -21.66
N VAL B 97 -19.31 14.97 -21.53
CA VAL B 97 -19.22 13.69 -20.84
C VAL B 97 -19.43 13.92 -19.34
N SER B 98 -20.28 13.09 -18.74
CA SER B 98 -20.53 13.14 -17.30
C SER B 98 -19.58 12.21 -16.55
N LEU B 99 -18.76 12.81 -15.69
CA LEU B 99 -17.83 12.06 -14.86
C LEU B 99 -18.53 11.46 -13.65
N ALA B 100 -19.66 12.07 -13.24
CA ALA B 100 -20.48 11.53 -12.17
C ALA B 100 -20.96 10.13 -12.54
N GLN B 101 -21.38 9.95 -13.80
CA GLN B 101 -21.92 8.68 -14.28
C GLN B 101 -20.80 7.66 -14.49
N LEU B 102 -19.66 8.12 -15.04
CA LEU B 102 -18.53 7.23 -15.26
C LEU B 102 -17.99 6.71 -13.93
N TYR B 103 -17.81 7.59 -12.94
CA TYR B 103 -17.25 7.17 -11.65
C TYR B 103 -18.18 6.16 -10.97
N SER B 104 -19.48 6.26 -11.20
CA SER B 104 -20.44 5.37 -10.56
C SER B 104 -20.42 4.01 -11.25
N HIS B 105 -20.36 4.01 -12.60
CA HIS B 105 -20.26 2.78 -13.37
C HIS B 105 -19.02 1.97 -13.00
N TRP B 106 -17.87 2.66 -12.90
CA TRP B 106 -16.62 2.02 -12.56
C TRP B 106 -16.64 1.51 -11.11
N ALA B 107 -17.19 2.32 -10.20
CA ALA B 107 -17.26 1.97 -8.80
C ALA B 107 -18.08 0.70 -8.57
N SER B 108 -19.12 0.49 -9.40
CA SER B 108 -20.06 -0.59 -9.18
C SER B 108 -19.56 -1.92 -9.75
N VAL B 109 -18.47 -1.88 -10.54
CA VAL B 109 -17.92 -3.10 -11.10
C VAL B 109 -16.49 -3.33 -10.58
N ASP B 110 -16.06 -2.53 -9.59
CA ASP B 110 -14.67 -2.48 -9.17
C ASP B 110 -14.60 -1.76 -7.82
N SER B 111 -14.43 -2.55 -6.75
CA SER B 111 -14.40 -2.01 -5.40
C SER B 111 -13.09 -1.30 -5.09
N HIS B 112 -12.02 -1.61 -5.85
CA HIS B 112 -10.74 -0.96 -5.63
C HIS B 112 -10.81 0.48 -6.09
N PHE B 113 -11.38 0.67 -7.29
CA PHE B 113 -11.59 1.98 -7.87
C PHE B 113 -12.44 2.83 -6.94
N GLN B 114 -13.46 2.22 -6.35
CA GLN B 114 -14.36 2.93 -5.45
C GLN B 114 -13.55 3.59 -4.33
N ARG B 115 -12.59 2.85 -3.75
CA ARG B 115 -11.82 3.33 -2.62
C ARG B 115 -10.88 4.46 -3.03
N VAL B 116 -10.24 4.32 -4.20
CA VAL B 116 -9.29 5.33 -4.66
C VAL B 116 -10.05 6.60 -5.05
N ALA B 117 -11.17 6.43 -5.79
CA ALA B 117 -11.92 7.53 -6.37
C ALA B 117 -12.54 8.45 -5.32
N GLN B 118 -12.57 8.03 -4.05
CA GLN B 118 -13.11 8.88 -2.98
C GLN B 118 -12.30 10.16 -2.83
N LYS B 119 -10.98 10.06 -3.05
CA LYS B 119 -10.08 11.17 -2.81
C LYS B 119 -9.64 11.83 -4.11
N PHE B 120 -10.04 11.27 -5.26
CA PHE B 120 -9.58 11.75 -6.56
C PHE B 120 -10.76 11.96 -7.49
N GLN B 121 -11.54 13.01 -7.18
CA GLN B 121 -12.70 13.37 -7.97
C GLN B 121 -12.27 14.29 -9.12
N GLY B 122 -13.05 14.29 -10.20
CA GLY B 122 -12.90 15.28 -11.25
C GLY B 122 -11.71 15.03 -12.18
N VAL B 123 -11.18 13.81 -12.18
CA VAL B 123 -10.15 13.45 -13.14
C VAL B 123 -10.82 13.01 -14.43
N ARG B 124 -10.61 13.79 -15.49
CA ARG B 124 -11.17 13.51 -16.80
C ARG B 124 -10.07 13.68 -17.84
N LEU B 125 -10.38 13.36 -19.09
CA LEU B 125 -9.40 13.38 -20.16
C LEU B 125 -9.53 14.66 -20.96
N LEU B 126 -8.40 15.30 -21.25
CA LEU B 126 -8.35 16.41 -22.17
C LEU B 126 -8.47 15.83 -23.57
N ARG B 127 -9.00 16.62 -24.49
CA ARG B 127 -9.02 16.24 -25.90
C ARG B 127 -7.95 17.08 -26.58
N GLN B 128 -6.77 16.47 -26.79
CA GLN B 128 -5.59 17.21 -27.17
C GLN B 128 -5.45 17.19 -28.68
N ASP B 129 -4.69 18.17 -29.17
CA ASP B 129 -4.29 18.23 -30.56
C ASP B 129 -3.39 17.02 -30.84
N PRO B 130 -3.69 16.20 -31.86
CA PRO B 130 -2.87 15.03 -32.21
C PRO B 130 -1.36 15.29 -32.26
N THR B 131 -0.96 16.34 -32.99
CA THR B 131 0.44 16.63 -33.23
C THR B 131 1.16 16.85 -31.89
N GLU B 132 0.58 17.71 -31.05
CA GLU B 132 1.22 18.05 -29.78
C GLU B 132 1.30 16.81 -28.89
N CYS B 133 0.28 15.96 -28.96
CA CYS B 133 0.20 14.78 -28.11
C CYS B 133 1.24 13.75 -28.57
N LEU B 134 1.28 13.52 -29.87
CA LEU B 134 2.21 12.57 -30.47
C LEU B 134 3.62 12.87 -29.98
N PHE B 135 4.09 14.08 -30.29
CA PHE B 135 5.50 14.40 -30.11
C PHE B 135 5.81 14.49 -28.61
N SER B 136 4.82 14.92 -27.83
CA SER B 136 5.01 15.02 -26.39
C SER B 136 5.21 13.65 -25.77
N PHE B 137 4.53 12.63 -26.30
CA PHE B 137 4.59 11.30 -25.71
C PHE B 137 5.80 10.52 -26.24
N ILE B 138 6.35 10.94 -27.37
CA ILE B 138 7.61 10.40 -27.84
C ILE B 138 8.71 10.82 -26.88
N CYS B 139 8.57 12.01 -26.26
CA CYS B 139 9.51 12.44 -25.24
C CYS B 139 9.25 11.75 -23.89
N SER B 140 8.27 10.83 -23.82
CA SER B 140 7.81 10.31 -22.54
C SER B 140 8.62 9.08 -22.12
N SER B 141 9.24 8.41 -23.11
CA SER B 141 10.18 7.32 -22.90
C SER B 141 11.12 7.57 -21.72
N ASN B 142 11.18 6.61 -20.80
CA ASN B 142 12.13 6.59 -19.69
C ASN B 142 12.20 7.97 -19.03
N ASN B 143 11.06 8.45 -18.56
CA ASN B 143 10.94 9.85 -18.21
C ASN B 143 9.87 10.03 -17.14
N ASN B 144 9.94 11.17 -16.45
CA ASN B 144 8.93 11.58 -15.49
C ASN B 144 8.24 12.83 -16.04
N ILE B 145 7.21 13.31 -15.34
CA ILE B 145 6.37 14.38 -15.86
C ILE B 145 7.16 15.69 -15.92
N ALA B 146 7.90 16.01 -14.85
CA ALA B 146 8.69 17.23 -14.77
C ALA B 146 9.67 17.31 -15.94
N ARG B 147 10.38 16.21 -16.23
CA ARG B 147 11.41 16.20 -17.24
C ARG B 147 10.82 16.26 -18.64
N ILE B 148 9.66 15.63 -18.85
CA ILE B 148 8.95 15.75 -20.12
C ILE B 148 8.49 17.19 -20.31
N THR B 149 8.07 17.82 -19.20
CA THR B 149 7.62 19.20 -19.21
C THR B 149 8.74 20.13 -19.68
N GLY B 150 9.95 19.92 -19.14
CA GLY B 150 11.11 20.71 -19.52
C GLY B 150 11.46 20.54 -21.00
N MET B 151 11.45 19.28 -21.46
CA MET B 151 11.84 18.94 -22.81
C MET B 151 10.87 19.57 -23.82
N VAL B 152 9.57 19.59 -23.46
CA VAL B 152 8.55 20.09 -24.37
C VAL B 152 8.61 21.61 -24.40
N GLU B 153 8.87 22.24 -23.26
CA GLU B 153 9.04 23.68 -23.22
C GLU B 153 10.13 24.09 -24.20
N ARG B 154 11.31 23.49 -24.04
CA ARG B 154 12.50 23.87 -24.81
C ARG B 154 12.33 23.49 -26.27
N LEU B 155 11.57 22.43 -26.54
CA LEU B 155 11.32 22.04 -27.92
C LEU B 155 10.47 23.11 -28.58
N CYS B 156 9.48 23.63 -27.84
CA CYS B 156 8.54 24.62 -28.34
C CYS B 156 9.25 25.96 -28.56
N GLN B 157 10.02 26.40 -27.55
CA GLN B 157 10.79 27.63 -27.61
C GLN B 157 11.71 27.63 -28.83
N ALA B 158 12.28 26.47 -29.17
CA ALA B 158 13.25 26.36 -30.25
C ALA B 158 12.57 26.29 -31.62
N PHE B 159 11.46 25.54 -31.73
CA PHE B 159 10.89 25.23 -33.03
C PHE B 159 9.49 25.82 -33.22
N GLY B 160 8.91 26.39 -32.16
CA GLY B 160 7.54 26.87 -32.21
C GLY B 160 7.45 28.39 -32.40
N PRO B 161 6.45 28.89 -33.16
CA PRO B 161 6.18 30.34 -33.24
C PRO B 161 5.99 31.02 -31.89
N ARG B 162 6.65 32.16 -31.71
CA ARG B 162 6.54 32.98 -30.51
C ARG B 162 5.16 33.63 -30.48
N LEU B 163 4.50 33.62 -29.31
CA LEU B 163 3.15 34.12 -29.18
C LEU B 163 3.14 35.42 -28.38
N ILE B 164 3.48 35.34 -27.09
CA ILE B 164 3.33 36.46 -26.16
C ILE B 164 4.28 36.24 -24.98
N GLN B 165 4.54 37.31 -24.22
CA GLN B 165 5.30 37.20 -22.97
C GLN B 165 4.44 37.73 -21.83
N LEU B 166 4.43 36.98 -20.72
CA LEU B 166 3.80 37.37 -19.47
C LEU B 166 4.83 37.25 -18.37
N ASP B 167 5.08 38.34 -17.63
CA ASP B 167 6.19 38.40 -16.69
C ASP B 167 7.47 37.97 -17.42
N ASP B 168 8.19 36.98 -16.90
CA ASP B 168 9.44 36.53 -17.51
C ASP B 168 9.22 35.24 -18.30
N VAL B 169 7.96 34.81 -18.41
CA VAL B 169 7.61 33.58 -19.13
C VAL B 169 7.16 33.96 -20.54
N THR B 170 7.82 33.36 -21.54
CA THR B 170 7.52 33.60 -22.94
C THR B 170 6.89 32.35 -23.55
N TYR B 171 5.73 32.53 -24.20
CA TYR B 171 4.89 31.43 -24.62
C TYR B 171 5.08 31.18 -26.11
N HIS B 172 5.37 29.92 -26.46
CA HIS B 172 5.45 29.48 -27.86
C HIS B 172 4.31 28.51 -28.16
N GLY B 173 3.83 28.56 -29.40
CA GLY B 173 2.91 27.54 -29.90
C GLY B 173 3.67 26.23 -30.14
N PHE B 174 2.92 25.15 -30.35
CA PHE B 174 3.53 23.88 -30.64
C PHE B 174 3.99 23.89 -32.10
N PRO B 175 5.22 23.42 -32.41
CA PRO B 175 5.73 23.44 -33.79
C PRO B 175 4.88 22.62 -34.75
N ASN B 176 5.01 22.94 -36.03
CA ASN B 176 4.45 22.15 -37.12
C ASN B 176 5.48 21.09 -37.52
N LEU B 177 5.05 20.17 -38.39
CA LEU B 177 5.86 19.01 -38.78
C LEU B 177 7.12 19.46 -39.50
N HIS B 178 6.99 20.42 -40.42
CA HIS B 178 8.13 20.89 -41.20
C HIS B 178 9.25 21.31 -40.26
N ALA B 179 8.89 22.09 -39.22
CA ALA B 179 9.86 22.62 -38.27
C ALA B 179 10.67 21.49 -37.65
N LEU B 180 10.00 20.39 -37.29
CA LEU B 180 10.63 19.30 -36.56
C LEU B 180 11.35 18.34 -37.51
N ALA B 181 11.01 18.38 -38.81
CA ALA B 181 11.50 17.41 -39.78
C ALA B 181 12.85 17.84 -40.37
N GLY B 182 13.22 19.11 -40.18
CA GLY B 182 14.36 19.71 -40.87
C GLY B 182 15.68 19.04 -40.52
N PRO B 183 16.72 19.23 -41.35
CA PRO B 183 17.98 18.49 -41.22
C PRO B 183 18.83 18.79 -39.98
N GLU B 184 18.61 19.94 -39.34
CA GLU B 184 19.32 20.30 -38.12
C GLU B 184 18.44 20.10 -36.88
N ALA B 185 17.28 19.46 -37.05
CA ALA B 185 16.30 19.36 -35.98
C ALA B 185 16.81 18.45 -34.87
N GLU B 186 17.31 17.26 -35.25
CA GLU B 186 17.80 16.28 -34.30
C GLU B 186 18.96 16.86 -33.49
N THR B 187 19.92 17.50 -34.18
CA THR B 187 21.09 18.06 -33.52
C THR B 187 20.65 19.05 -32.44
N HIS B 188 19.86 20.05 -32.85
CA HIS B 188 19.40 21.10 -31.97
C HIS B 188 18.67 20.48 -30.77
N LEU B 189 17.87 19.45 -31.03
CA LEU B 189 17.06 18.83 -29.98
C LEU B 189 17.95 18.11 -28.97
N ARG B 190 19.08 17.53 -29.44
CA ARG B 190 20.02 16.87 -28.55
C ARG B 190 20.69 17.90 -27.63
N LYS B 191 20.92 19.10 -28.16
CA LYS B 191 21.51 20.16 -27.39
C LYS B 191 20.54 20.64 -26.30
N LEU B 192 19.24 20.39 -26.50
CA LEU B 192 18.22 20.76 -25.55
C LEU B 192 17.99 19.65 -24.51
N GLY B 193 18.58 18.47 -24.74
CA GLY B 193 18.66 17.42 -23.73
C GLY B 193 17.62 16.31 -23.93
N LEU B 194 17.14 16.13 -25.16
CA LEU B 194 16.12 15.14 -25.46
C LEU B 194 16.74 13.75 -25.58
N GLY B 195 18.08 13.69 -25.66
CA GLY B 195 18.77 12.42 -25.86
C GLY B 195 18.27 11.71 -27.12
N TYR B 196 18.01 10.40 -26.99
CA TYR B 196 17.60 9.55 -28.10
C TYR B 196 16.23 9.94 -28.67
N ARG B 197 15.43 10.66 -27.88
CA ARG B 197 14.09 11.05 -28.28
C ARG B 197 14.17 12.05 -29.43
N ALA B 198 15.28 12.80 -29.51
CA ALA B 198 15.57 13.68 -30.62
C ALA B 198 15.46 12.95 -31.96
N ARG B 199 16.02 11.74 -32.04
CA ARG B 199 15.97 10.97 -33.27
C ARG B 199 14.51 10.69 -33.62
N TYR B 200 13.75 10.24 -32.61
CA TYR B 200 12.38 9.79 -32.84
C TYR B 200 11.51 10.97 -33.28
N VAL B 201 11.70 12.13 -32.67
CA VAL B 201 10.96 13.34 -33.01
C VAL B 201 11.17 13.69 -34.49
N ARG B 202 12.42 13.80 -34.92
CA ARG B 202 12.71 14.20 -36.29
C ARG B 202 12.19 13.16 -37.28
N ALA B 203 12.48 11.88 -37.01
CA ALA B 203 12.13 10.80 -37.92
C ALA B 203 10.63 10.75 -38.17
N SER B 204 9.84 10.83 -37.09
CA SER B 204 8.40 10.68 -37.18
C SER B 204 7.79 11.87 -37.91
N ALA B 205 8.23 13.08 -37.52
CA ALA B 205 7.82 14.31 -38.20
C ALA B 205 8.01 14.16 -39.70
N LYS B 206 9.22 13.74 -40.08
CA LYS B 206 9.61 13.57 -41.46
C LYS B 206 8.81 12.44 -42.12
N ALA B 207 8.49 11.41 -41.33
CA ALA B 207 7.73 10.27 -41.84
C ALA B 207 6.31 10.69 -42.20
N ILE B 208 5.65 11.41 -41.29
CA ILE B 208 4.26 11.78 -41.46
C ILE B 208 4.08 12.62 -42.72
N LEU B 209 5.02 13.54 -42.99
CA LEU B 209 4.95 14.40 -44.15
C LEU B 209 5.04 13.56 -45.44
N GLU B 210 6.14 12.82 -45.56
CA GLU B 210 6.51 12.19 -46.82
C GLU B 210 5.68 10.92 -47.01
N GLU B 211 5.69 10.05 -46.00
CA GLU B 211 5.15 8.70 -46.12
C GLU B 211 3.62 8.74 -46.05
N GLN B 212 3.06 9.57 -45.15
CA GLN B 212 1.63 9.55 -44.87
C GLN B 212 0.93 10.74 -45.55
N GLY B 213 1.69 11.73 -46.01
CA GLY B 213 1.17 12.79 -46.86
C GLY B 213 0.45 13.90 -46.09
N GLY B 214 1.09 14.41 -45.03
CA GLY B 214 0.66 15.62 -44.35
C GLY B 214 -0.11 15.35 -43.06
N PRO B 215 -0.30 16.38 -42.19
CA PRO B 215 -0.94 16.19 -40.87
C PRO B 215 -2.42 15.83 -40.88
N ALA B 216 -3.06 15.87 -42.04
CA ALA B 216 -4.44 15.41 -42.19
C ALA B 216 -4.54 13.91 -41.96
N TRP B 217 -3.40 13.21 -42.01
CA TRP B 217 -3.31 11.80 -41.68
C TRP B 217 -3.75 11.54 -40.23
N LEU B 218 -3.27 12.38 -39.31
CA LEU B 218 -3.58 12.24 -37.88
C LEU B 218 -5.07 12.48 -37.64
N GLN B 219 -5.65 13.42 -38.40
CA GLN B 219 -7.07 13.71 -38.29
C GLN B 219 -7.88 12.50 -38.78
N GLN B 220 -7.38 11.82 -39.82
CA GLN B 220 -8.01 10.59 -40.31
C GLN B 220 -8.12 9.59 -39.18
N LEU B 221 -7.06 9.47 -38.35
CA LEU B 221 -7.00 8.46 -37.30
C LEU B 221 -8.00 8.79 -36.19
N ARG B 222 -8.34 10.07 -36.03
CA ARG B 222 -9.30 10.49 -35.03
C ARG B 222 -10.71 9.99 -35.34
N VAL B 223 -11.01 9.72 -36.62
CA VAL B 223 -12.30 9.17 -37.01
C VAL B 223 -12.17 7.67 -37.31
N ALA B 224 -10.95 7.20 -37.62
CA ALA B 224 -10.69 5.79 -37.82
C ALA B 224 -10.97 5.02 -36.52
N PRO B 225 -11.48 3.78 -36.58
CA PRO B 225 -11.69 2.98 -35.36
C PRO B 225 -10.37 2.69 -34.66
N TYR B 226 -10.48 2.42 -33.36
CA TYR B 226 -9.37 2.35 -32.42
C TYR B 226 -8.25 1.43 -32.91
N GLU B 227 -8.62 0.21 -33.34
CA GLU B 227 -7.65 -0.83 -33.65
C GLU B 227 -6.75 -0.37 -34.80
N GLU B 228 -7.36 0.33 -35.77
CA GLU B 228 -6.69 0.80 -36.97
C GLU B 228 -5.74 1.95 -36.63
N ALA B 229 -6.19 2.84 -35.75
CA ALA B 229 -5.41 4.01 -35.34
C ALA B 229 -4.15 3.58 -34.60
N HIS B 230 -4.30 2.63 -33.68
CA HIS B 230 -3.19 2.16 -32.85
C HIS B 230 -2.14 1.49 -33.74
N LYS B 231 -2.60 0.67 -34.69
CA LYS B 231 -1.72 -0.02 -35.62
C LYS B 231 -0.88 1.00 -36.40
N ALA B 232 -1.54 2.07 -36.87
CA ALA B 232 -0.91 3.10 -37.68
C ALA B 232 0.09 3.90 -36.86
N LEU B 233 -0.30 4.31 -35.64
CA LEU B 233 0.59 5.09 -34.78
C LEU B 233 1.88 4.32 -34.47
N CYS B 234 1.80 2.99 -34.39
CA CYS B 234 2.93 2.17 -33.98
C CYS B 234 3.96 2.02 -35.11
N THR B 235 3.60 2.40 -36.35
CA THR B 235 4.54 2.40 -37.47
C THR B 235 5.52 3.57 -37.40
N LEU B 236 5.20 4.59 -36.58
CA LEU B 236 6.06 5.76 -36.47
C LEU B 236 7.27 5.44 -35.60
N PRO B 237 8.47 5.96 -35.97
CA PRO B 237 9.64 5.91 -35.09
C PRO B 237 9.38 6.40 -33.66
N GLY B 238 9.73 5.58 -32.67
CA GLY B 238 9.63 5.97 -31.27
C GLY B 238 8.25 5.72 -30.68
N VAL B 239 7.34 5.11 -31.48
CA VAL B 239 5.99 4.88 -31.01
C VAL B 239 5.75 3.39 -30.87
N GLY B 240 5.67 2.94 -29.61
CA GLY B 240 5.21 1.61 -29.27
C GLY B 240 3.76 1.63 -28.79
N ALA B 241 3.32 0.50 -28.24
CA ALA B 241 1.94 0.33 -27.84
C ALA B 241 1.53 1.39 -26.81
N LYS B 242 2.38 1.59 -25.80
CA LYS B 242 2.09 2.48 -24.69
C LYS B 242 1.82 3.90 -25.24
N VAL B 243 2.76 4.42 -26.04
CA VAL B 243 2.65 5.75 -26.60
C VAL B 243 1.42 5.84 -27.49
N ALA B 244 1.28 4.86 -28.39
CA ALA B 244 0.13 4.79 -29.29
C ALA B 244 -1.18 4.82 -28.52
N ASP B 245 -1.23 4.13 -27.38
CA ASP B 245 -2.46 4.07 -26.60
C ASP B 245 -2.73 5.43 -25.97
N CYS B 246 -1.67 6.05 -25.41
CA CYS B 246 -1.75 7.36 -24.80
C CYS B 246 -2.35 8.37 -25.80
N ILE B 247 -1.85 8.33 -27.04
CA ILE B 247 -2.27 9.25 -28.08
C ILE B 247 -3.72 8.94 -28.45
N CYS B 248 -4.01 7.65 -28.69
CA CYS B 248 -5.36 7.20 -28.98
C CYS B 248 -6.34 7.76 -27.94
N LEU B 249 -5.98 7.62 -26.66
CA LEU B 249 -6.87 7.97 -25.57
C LEU B 249 -7.06 9.48 -25.45
N MET B 250 -6.03 10.24 -25.83
CA MET B 250 -5.95 11.62 -25.41
C MET B 250 -6.20 12.58 -26.58
N ALA B 251 -6.08 12.06 -27.81
CA ALA B 251 -6.16 12.91 -29.00
C ALA B 251 -7.06 12.32 -30.08
N LEU B 252 -7.25 10.99 -30.10
CA LEU B 252 -7.98 10.37 -31.19
C LEU B 252 -9.36 9.85 -30.76
N ASP B 253 -9.88 10.33 -29.63
CA ASP B 253 -11.20 9.98 -29.17
C ASP B 253 -11.37 8.46 -29.16
N LYS B 254 -10.45 7.75 -28.51
CA LYS B 254 -10.63 6.33 -28.22
C LYS B 254 -10.65 6.16 -26.71
N PRO B 255 -11.81 6.31 -26.03
CA PRO B 255 -11.86 6.20 -24.58
C PRO B 255 -11.55 4.81 -24.03
N GLN B 256 -11.54 3.80 -24.92
CA GLN B 256 -11.29 2.43 -24.51
C GLN B 256 -9.80 2.11 -24.54
N ALA B 257 -8.99 3.05 -25.05
CA ALA B 257 -7.55 2.86 -25.11
C ALA B 257 -6.96 2.90 -23.69
N VAL B 258 -6.21 1.85 -23.33
CA VAL B 258 -5.60 1.69 -22.02
C VAL B 258 -4.09 1.59 -22.19
N PRO B 259 -3.30 2.65 -21.92
CA PRO B 259 -1.83 2.54 -21.92
C PRO B 259 -1.32 1.60 -20.85
N VAL B 260 -0.45 0.66 -21.26
CA VAL B 260 0.16 -0.30 -20.36
C VAL B 260 1.66 -0.02 -20.29
N ASP B 261 2.08 0.60 -19.17
CA ASP B 261 3.46 0.96 -18.88
C ASP B 261 3.94 0.10 -17.72
N VAL B 262 4.82 0.66 -16.87
CA VAL B 262 5.29 -0.04 -15.68
C VAL B 262 4.33 0.22 -14.52
N HIS B 263 3.84 1.46 -14.38
CA HIS B 263 2.85 1.78 -13.35
C HIS B 263 1.67 0.81 -13.43
N VAL B 264 0.97 0.83 -14.57
CA VAL B 264 -0.26 0.08 -14.74
C VAL B 264 0.00 -1.41 -14.51
N TRP B 265 1.12 -1.91 -15.05
CA TRP B 265 1.50 -3.30 -14.84
C TRP B 265 1.65 -3.60 -13.36
N GLN B 266 2.10 -2.59 -12.59
CA GLN B 266 2.32 -2.71 -11.16
C GLN B 266 0.97 -2.72 -10.44
N ILE B 267 0.11 -1.76 -10.79
CA ILE B 267 -1.22 -1.65 -10.22
C ILE B 267 -1.97 -2.97 -10.43
N ALA B 268 -1.91 -3.53 -11.65
CA ALA B 268 -2.73 -4.67 -12.02
C ALA B 268 -2.35 -5.87 -11.15
N HIS B 269 -1.04 -6.13 -11.03
CA HIS B 269 -0.55 -7.24 -10.23
C HIS B 269 -0.88 -7.01 -8.74
N ARG B 270 -0.50 -5.85 -8.22
CA ARG B 270 -0.61 -5.58 -6.79
C ARG B 270 -2.08 -5.49 -6.36
N ASP B 271 -2.86 -4.64 -7.05
CA ASP B 271 -4.19 -4.26 -6.60
C ASP B 271 -5.29 -5.15 -7.19
N TYR B 272 -5.03 -5.85 -8.30
CA TYR B 272 -6.06 -6.67 -8.94
C TYR B 272 -5.69 -8.15 -8.96
N GLY B 273 -4.47 -8.49 -8.53
CA GLY B 273 -4.03 -9.87 -8.44
C GLY B 273 -3.85 -10.52 -9.81
N TRP B 274 -3.61 -9.70 -10.83
CA TRP B 274 -3.61 -10.17 -12.21
C TRP B 274 -2.21 -10.68 -12.56
N HIS B 275 -2.19 -11.81 -13.26
CA HIS B 275 -0.98 -12.28 -13.90
C HIS B 275 -1.34 -12.64 -15.33
N PRO B 276 -0.38 -12.60 -16.27
CA PRO B 276 -0.64 -12.98 -17.66
C PRO B 276 -0.80 -14.50 -17.76
N LYS B 277 -1.59 -14.94 -18.74
CA LYS B 277 -1.69 -16.35 -19.07
C LYS B 277 -0.65 -16.67 -20.14
N THR B 278 -0.04 -17.86 -20.04
CA THR B 278 0.70 -18.48 -21.13
C THR B 278 2.10 -17.88 -21.28
N SER B 279 2.49 -16.98 -20.37
CA SER B 279 3.78 -16.30 -20.44
C SER B 279 4.91 -17.27 -20.08
N GLN B 280 6.01 -17.21 -20.85
CA GLN B 280 7.24 -17.88 -20.51
C GLN B 280 8.10 -16.94 -19.64
N ALA B 281 8.10 -15.66 -20.01
CA ALA B 281 8.67 -14.61 -19.16
C ALA B 281 7.53 -14.02 -18.33
N LYS B 282 7.71 -13.99 -17.01
CA LYS B 282 6.64 -13.64 -16.10
C LYS B 282 6.41 -12.12 -16.06
N GLY B 283 7.21 -11.37 -16.83
CA GLY B 283 7.17 -9.91 -16.82
C GLY B 283 6.55 -9.35 -18.10
N PRO B 284 6.65 -8.01 -18.32
CA PRO B 284 6.13 -7.38 -19.53
C PRO B 284 6.65 -7.94 -20.86
N SER B 285 5.74 -7.98 -21.84
CA SER B 285 6.04 -8.30 -23.23
C SER B 285 4.89 -7.77 -24.08
N PRO B 286 5.04 -7.61 -25.41
CA PRO B 286 3.95 -7.12 -26.26
C PRO B 286 2.63 -7.85 -26.01
N LEU B 287 2.68 -9.19 -25.93
CA LEU B 287 1.48 -9.99 -25.79
C LEU B 287 0.88 -9.81 -24.40
N ALA B 288 1.75 -9.85 -23.37
CA ALA B 288 1.28 -9.66 -22.00
C ALA B 288 0.60 -8.29 -21.87
N ASN B 289 1.24 -7.26 -22.42
CA ASN B 289 0.75 -5.90 -22.34
C ASN B 289 -0.62 -5.76 -23.02
N LYS B 290 -0.78 -6.40 -24.19
CA LYS B 290 -2.04 -6.33 -24.91
C LYS B 290 -3.12 -7.03 -24.08
N GLU B 291 -2.78 -8.18 -23.51
CA GLU B 291 -3.70 -8.93 -22.67
C GLU B 291 -4.22 -8.03 -21.53
N LEU B 292 -3.31 -7.28 -20.89
CA LEU B 292 -3.71 -6.49 -19.73
C LEU B 292 -4.58 -5.31 -20.17
N GLY B 293 -4.33 -4.76 -21.36
CA GLY B 293 -5.22 -3.78 -21.95
C GLY B 293 -6.66 -4.30 -22.09
N ASN B 294 -6.77 -5.57 -22.49
CA ASN B 294 -8.08 -6.20 -22.68
C ASN B 294 -8.72 -6.51 -21.34
N PHE B 295 -7.90 -6.91 -20.36
CA PHE B 295 -8.40 -7.14 -19.01
C PHE B 295 -9.17 -5.90 -18.51
N PHE B 296 -8.55 -4.73 -18.65
CA PHE B 296 -9.13 -3.50 -18.10
C PHE B 296 -10.37 -3.07 -18.88
N ARG B 297 -10.39 -3.27 -20.19
CA ARG B 297 -11.60 -2.99 -20.98
C ARG B 297 -12.76 -3.87 -20.51
N ASN B 298 -12.53 -5.18 -20.31
CA ASN B 298 -13.57 -6.08 -19.87
C ASN B 298 -14.10 -5.65 -18.50
N LEU B 299 -13.20 -5.16 -17.64
CA LEU B 299 -13.58 -4.80 -16.28
C LEU B 299 -14.33 -3.47 -16.25
N TRP B 300 -13.83 -2.46 -16.97
CA TRP B 300 -14.31 -1.10 -16.78
C TRP B 300 -15.29 -0.70 -17.87
N GLY B 301 -15.09 -1.20 -19.09
CA GLY B 301 -16.00 -0.97 -20.20
C GLY B 301 -15.39 -0.05 -21.26
N PRO B 302 -16.22 0.70 -22.01
CA PRO B 302 -15.75 1.44 -23.18
C PRO B 302 -15.02 2.75 -22.88
N TYR B 303 -15.07 3.20 -21.62
CA TYR B 303 -14.30 4.36 -21.20
C TYR B 303 -13.17 3.93 -20.26
N ALA B 304 -12.54 2.78 -20.55
CA ALA B 304 -11.55 2.19 -19.66
C ALA B 304 -10.32 3.10 -19.52
N GLY B 305 -9.93 3.72 -20.65
CA GLY B 305 -8.85 4.69 -20.67
C GLY B 305 -9.04 5.80 -19.65
N TRP B 306 -10.28 6.26 -19.49
CA TRP B 306 -10.57 7.33 -18.56
C TRP B 306 -10.39 6.82 -17.13
N ALA B 307 -10.88 5.60 -16.87
CA ALA B 307 -10.77 5.03 -15.54
C ALA B 307 -9.31 4.80 -15.19
N GLN B 308 -8.52 4.35 -16.16
CA GLN B 308 -7.09 4.17 -16.02
C GLN B 308 -6.44 5.48 -15.58
N ALA B 309 -6.76 6.57 -16.29
CA ALA B 309 -6.24 7.90 -16.00
C ALA B 309 -6.47 8.27 -14.54
N VAL B 310 -7.61 7.87 -13.97
CA VAL B 310 -7.92 8.18 -12.59
C VAL B 310 -6.90 7.50 -11.69
N LEU B 311 -6.66 6.21 -11.94
CA LEU B 311 -5.76 5.42 -11.11
C LEU B 311 -4.32 5.87 -11.34
N PHE B 312 -3.96 6.15 -12.60
CA PHE B 312 -2.64 6.66 -12.93
C PHE B 312 -2.36 7.93 -12.13
N SER B 313 -3.33 8.85 -12.18
CA SER B 313 -3.23 10.15 -11.55
C SER B 313 -3.10 9.97 -10.03
N ALA B 314 -3.69 8.90 -9.49
CA ALA B 314 -3.70 8.65 -8.05
C ALA B 314 -2.45 7.90 -7.60
N ASP B 315 -1.75 7.24 -8.55
CA ASP B 315 -0.57 6.46 -8.24
C ASP B 315 0.67 7.36 -8.24
N LEU B 316 0.48 8.66 -8.52
CA LEU B 316 1.54 9.66 -8.39
C LEU B 316 1.56 10.19 -6.95
N ARG B 317 0.38 10.59 -6.46
CA ARG B 317 0.23 11.13 -5.11
C ARG B 317 0.21 9.97 -4.11
N GLY C 1 -49.80 2.37 26.76
CA GLY C 1 -48.46 2.64 27.30
C GLY C 1 -47.83 3.86 26.63
N SER C 2 -46.88 4.49 27.33
CA SER C 2 -46.24 5.70 26.82
C SER C 2 -45.33 5.37 25.65
N HIS C 3 -45.01 6.40 24.87
CA HIS C 3 -44.04 6.26 23.79
C HIS C 3 -42.68 5.96 24.39
N MET C 4 -42.00 4.93 23.87
CA MET C 4 -40.71 4.49 24.38
C MET C 4 -39.61 4.97 23.43
N ARG C 5 -38.48 5.36 24.02
CA ARG C 5 -37.38 5.93 23.27
C ARG C 5 -36.15 5.03 23.41
N HIS C 6 -35.20 5.20 22.49
CA HIS C 6 -33.89 4.58 22.60
C HIS C 6 -33.18 5.15 23.83
N ARG C 7 -32.71 4.26 24.71
CA ARG C 7 -32.03 4.66 25.91
C ARG C 7 -30.58 5.04 25.60
N THR C 8 -30.02 5.96 26.41
CA THR C 8 -28.58 6.10 26.55
C THR C 8 -28.21 5.80 28.00
N LEU C 9 -26.92 5.88 28.34
CA LEU C 9 -26.44 5.45 29.64
C LEU C 9 -26.71 6.51 30.70
N SER C 10 -26.69 7.78 30.30
CA SER C 10 -26.90 8.88 31.23
C SER C 10 -28.38 9.26 31.30
N SER C 11 -29.19 8.75 30.35
CA SER C 11 -30.62 9.00 30.33
C SER C 11 -31.34 8.12 31.36
N SER C 12 -31.06 6.82 31.34
CA SER C 12 -31.82 5.86 32.13
C SER C 12 -30.89 4.91 32.88
N PRO C 13 -29.92 5.43 33.67
CA PRO C 13 -28.87 4.60 34.26
C PRO C 13 -29.34 3.51 35.21
N ALA C 14 -30.57 3.64 35.71
CA ALA C 14 -31.18 2.63 36.56
C ALA C 14 -31.27 1.28 35.83
N LEU C 15 -31.60 1.33 34.54
CA LEU C 15 -31.99 0.15 33.77
C LEU C 15 -30.81 -0.56 33.12
N TRP C 16 -29.61 0.05 33.16
CA TRP C 16 -28.42 -0.56 32.55
C TRP C 16 -27.73 -1.51 33.53
N ALA C 17 -27.41 -2.71 33.04
CA ALA C 17 -26.50 -3.62 33.73
C ALA C 17 -25.13 -3.52 33.06
N SER C 18 -24.14 -4.25 33.59
CA SER C 18 -22.80 -4.24 33.02
C SER C 18 -22.15 -5.61 33.13
N ILE C 19 -21.30 -5.92 32.15
CA ILE C 19 -20.39 -7.05 32.22
C ILE C 19 -18.97 -6.52 32.15
N PRO C 20 -18.06 -6.96 33.05
CA PRO C 20 -16.65 -6.53 32.98
C PRO C 20 -16.02 -7.09 31.72
N CYS C 21 -15.53 -6.18 30.86
CA CYS C 21 -15.05 -6.53 29.54
C CYS C 21 -14.30 -5.35 28.94
N PRO C 22 -12.95 -5.41 28.83
CA PRO C 22 -12.17 -4.29 28.29
C PRO C 22 -12.47 -4.05 26.82
N ARG C 23 -12.22 -2.81 26.38
CA ARG C 23 -12.37 -2.43 24.98
C ARG C 23 -11.44 -3.27 24.10
N SER C 24 -10.40 -3.86 24.71
CA SER C 24 -9.42 -4.66 23.99
C SER C 24 -9.90 -6.10 23.77
N GLU C 25 -11.00 -6.51 24.43
CA GLU C 25 -11.59 -7.83 24.20
C GLU C 25 -12.79 -7.74 23.27
N LEU C 26 -13.31 -6.53 23.05
CA LEU C 26 -14.49 -6.35 22.23
C LEU C 26 -14.70 -4.87 21.94
N ARG C 27 -14.62 -4.51 20.66
CA ARG C 27 -15.04 -3.21 20.18
C ARG C 27 -16.36 -3.38 19.44
N LEU C 28 -17.41 -2.78 20.00
CA LEU C 28 -18.76 -2.87 19.47
C LEU C 28 -18.81 -2.24 18.08
N ASP C 29 -18.03 -1.17 17.88
CA ASP C 29 -18.09 -0.40 16.64
C ASP C 29 -17.35 -1.13 15.52
N LEU C 30 -16.63 -2.21 15.86
CA LEU C 30 -15.91 -2.98 14.86
C LEU C 30 -16.54 -4.36 14.65
N VAL C 31 -17.51 -4.74 15.48
CA VAL C 31 -18.04 -6.09 15.46
C VAL C 31 -19.50 -6.12 14.98
N LEU C 32 -20.25 -5.04 15.23
CA LEU C 32 -21.70 -5.09 15.09
C LEU C 32 -22.16 -4.66 13.69
N ALA C 33 -21.38 -3.80 13.02
CA ALA C 33 -21.75 -3.35 11.68
C ALA C 33 -20.61 -3.60 10.71
N SER C 34 -19.90 -4.73 10.90
CA SER C 34 -18.71 -5.03 10.13
C SER C 34 -18.86 -6.34 9.36
N GLY C 35 -20.11 -6.77 9.13
CA GLY C 35 -20.40 -7.86 8.21
C GLY C 35 -20.53 -9.23 8.89
N GLN C 36 -20.81 -9.23 10.20
CA GLN C 36 -21.21 -10.46 10.89
C GLN C 36 -22.74 -10.48 11.02
N SER C 37 -23.28 -9.59 11.86
CA SER C 37 -24.72 -9.31 11.89
C SER C 37 -25.01 -8.07 11.06
N PHE C 38 -26.26 -7.96 10.60
CA PHE C 38 -26.73 -6.78 9.90
C PHE C 38 -27.90 -6.16 10.67
N ARG C 39 -28.07 -6.54 11.94
CA ARG C 39 -29.29 -6.23 12.68
C ARG C 39 -29.04 -5.13 13.72
N TRP C 40 -27.83 -4.57 13.76
CA TRP C 40 -27.44 -3.59 14.77
C TRP C 40 -27.25 -2.23 14.12
N LYS C 41 -27.80 -1.18 14.74
CA LYS C 41 -27.60 0.20 14.29
C LYS C 41 -27.22 1.09 15.46
N GLU C 42 -26.42 2.13 15.14
CA GLU C 42 -25.98 3.12 16.11
C GLU C 42 -26.99 4.26 16.13
N GLN C 43 -28.05 4.09 16.92
CA GLN C 43 -29.20 4.99 16.93
C GLN C 43 -28.84 6.32 17.57
N SER C 44 -27.98 6.27 18.59
CA SER C 44 -27.31 7.44 19.12
C SER C 44 -25.81 7.12 19.26
N PRO C 45 -24.92 8.13 19.30
CA PRO C 45 -23.48 7.89 19.33
C PRO C 45 -23.02 6.95 20.45
N ALA C 46 -22.35 5.86 20.04
CA ALA C 46 -21.74 4.88 20.94
C ALA C 46 -22.77 3.96 21.55
N HIS C 47 -24.04 4.08 21.12
CA HIS C 47 -25.11 3.22 21.59
C HIS C 47 -25.67 2.41 20.42
N TRP C 48 -25.54 1.07 20.51
CA TRP C 48 -25.93 0.17 19.45
C TRP C 48 -27.19 -0.59 19.86
N SER C 49 -28.19 -0.61 18.97
CA SER C 49 -29.48 -1.20 19.27
C SER C 49 -29.87 -2.21 18.19
N GLY C 50 -30.49 -3.31 18.60
CA GLY C 50 -30.90 -4.35 17.67
C GLY C 50 -31.49 -5.57 18.37
N VAL C 51 -32.08 -6.47 17.58
CA VAL C 51 -32.84 -7.59 18.09
C VAL C 51 -31.90 -8.76 18.38
N LEU C 52 -32.29 -9.58 19.36
CA LEU C 52 -31.48 -10.71 19.80
C LEU C 52 -32.39 -11.72 20.51
N ALA C 53 -32.78 -12.77 19.77
CA ALA C 53 -33.65 -13.82 20.26
C ALA C 53 -34.98 -13.23 20.73
N ASP C 54 -35.63 -12.50 19.83
CA ASP C 54 -36.98 -12.00 20.03
C ASP C 54 -37.02 -11.01 21.21
N GLN C 55 -35.94 -10.25 21.40
CA GLN C 55 -35.89 -9.15 22.35
C GLN C 55 -34.96 -8.07 21.79
N VAL C 56 -35.29 -6.80 22.06
CA VAL C 56 -34.45 -5.69 21.63
C VAL C 56 -33.47 -5.36 22.75
N TRP C 57 -32.26 -4.94 22.34
CA TRP C 57 -31.20 -4.53 23.26
C TRP C 57 -30.60 -3.21 22.79
N THR C 58 -29.95 -2.49 23.71
CA THR C 58 -29.02 -1.43 23.37
C THR C 58 -27.72 -1.65 24.12
N LEU C 59 -26.59 -1.42 23.44
CA LEU C 59 -25.28 -1.79 23.93
C LEU C 59 -24.34 -0.59 23.86
N THR C 60 -23.47 -0.45 24.86
CA THR C 60 -22.51 0.63 24.93
C THR C 60 -21.41 0.20 25.88
N GLN C 61 -20.24 0.85 25.78
CA GLN C 61 -19.08 0.42 26.57
C GLN C 61 -18.19 1.61 26.91
N THR C 62 -17.45 1.47 28.01
CA THR C 62 -16.37 2.37 28.38
C THR C 62 -15.05 1.65 28.11
N GLU C 63 -13.99 2.01 28.85
CA GLU C 63 -12.67 1.45 28.63
C GLU C 63 -12.59 0.02 29.13
N ASP C 64 -13.43 -0.37 30.10
CA ASP C 64 -13.36 -1.70 30.68
C ASP C 64 -14.73 -2.28 31.02
N GLN C 65 -15.81 -1.62 30.61
CA GLN C 65 -17.15 -2.08 30.94
C GLN C 65 -18.01 -2.16 29.68
N LEU C 66 -18.75 -3.27 29.54
CA LEU C 66 -19.78 -3.43 28.52
C LEU C 66 -21.15 -3.23 29.17
N TYR C 67 -21.74 -2.04 28.95
CA TYR C 67 -23.06 -1.74 29.46
C TYR C 67 -24.11 -2.25 28.48
N CYS C 68 -25.25 -2.70 29.01
CA CYS C 68 -26.33 -3.19 28.17
C CYS C 68 -27.68 -3.04 28.88
N THR C 69 -28.72 -2.82 28.07
CA THR C 69 -30.08 -2.72 28.56
C THR C 69 -31.00 -3.51 27.63
N VAL C 70 -32.15 -3.95 28.16
CA VAL C 70 -33.07 -4.80 27.42
C VAL C 70 -34.46 -4.16 27.46
N TYR C 71 -35.21 -4.30 26.36
CA TYR C 71 -36.57 -3.79 26.28
C TYR C 71 -37.55 -4.95 26.24
N ARG C 72 -38.35 -5.07 27.31
CA ARG C 72 -39.44 -6.04 27.38
C ARG C 72 -40.72 -5.36 26.88
N GLY C 73 -41.80 -6.14 26.81
CA GLY C 73 -43.09 -5.66 26.31
C GLY C 73 -43.68 -4.54 27.17
N ASP C 74 -44.00 -4.87 28.43
CA ASP C 74 -44.77 -4.00 29.31
C ASP C 74 -43.93 -3.54 30.49
N ASP C 75 -44.40 -2.46 31.14
CA ASP C 75 -43.74 -1.86 32.28
C ASP C 75 -44.04 -2.67 33.55
N VAL C 78 -40.77 -2.59 33.62
CA VAL C 78 -39.44 -2.51 32.94
C VAL C 78 -38.34 -2.58 34.00
N SER C 79 -37.55 -3.65 33.94
CA SER C 79 -36.46 -3.88 34.87
C SER C 79 -35.13 -3.96 34.11
N ARG C 80 -34.02 -4.01 34.86
CA ARG C 80 -32.70 -4.28 34.31
C ARG C 80 -32.70 -5.62 33.58
N PRO C 81 -31.66 -5.92 32.77
CA PRO C 81 -31.42 -7.30 32.32
C PRO C 81 -31.25 -8.24 33.51
N THR C 82 -31.86 -9.42 33.44
CA THR C 82 -31.69 -10.44 34.45
C THR C 82 -30.27 -10.98 34.35
N LEU C 83 -29.93 -11.96 35.21
CA LEU C 83 -28.65 -12.63 35.12
C LEU C 83 -28.65 -13.56 33.91
N GLU C 84 -29.78 -14.22 33.66
CA GLU C 84 -29.92 -15.17 32.57
C GLU C 84 -29.64 -14.47 31.24
N GLU C 85 -30.21 -13.27 31.10
CA GLU C 85 -30.09 -12.48 29.88
C GLU C 85 -28.67 -11.95 29.73
N LEU C 86 -28.01 -11.66 30.86
CA LEU C 86 -26.61 -11.25 30.84
C LEU C 86 -25.72 -12.42 30.44
N GLU C 87 -26.16 -13.66 30.71
CA GLU C 87 -25.44 -14.84 30.28
C GLU C 87 -25.73 -15.13 28.80
N THR C 88 -26.92 -14.73 28.33
CA THR C 88 -27.27 -14.86 26.92
C THR C 88 -26.38 -13.96 26.07
N LEU C 89 -26.09 -12.76 26.60
CA LEU C 89 -25.23 -11.80 25.92
C LEU C 89 -23.78 -12.28 25.96
N HIS C 90 -23.41 -12.98 27.04
CA HIS C 90 -22.06 -13.50 27.22
C HIS C 90 -21.76 -14.59 26.19
N LYS C 91 -22.74 -15.45 25.91
CA LYS C 91 -22.62 -16.48 24.89
C LYS C 91 -22.49 -15.84 23.51
N TYR C 92 -23.27 -14.76 23.29
CA TYR C 92 -23.33 -14.06 22.01
C TYR C 92 -21.95 -13.54 21.63
N PHE C 93 -21.25 -12.96 22.61
CA PHE C 93 -19.95 -12.35 22.38
C PHE C 93 -18.82 -13.30 22.74
N GLN C 94 -19.15 -14.58 23.00
CA GLN C 94 -18.19 -15.64 23.23
C GLN C 94 -17.01 -15.13 24.05
N LEU C 95 -17.34 -14.49 25.18
CA LEU C 95 -16.37 -13.74 25.98
C LEU C 95 -15.47 -14.68 26.77
N ASP C 96 -15.83 -15.97 26.83
CA ASP C 96 -14.97 -17.00 27.38
C ASP C 96 -13.63 -16.98 26.67
N VAL C 97 -13.67 -16.85 25.32
CA VAL C 97 -12.48 -16.83 24.49
C VAL C 97 -11.68 -15.56 24.76
N SER C 98 -10.39 -15.72 25.07
CA SER C 98 -9.50 -14.61 25.30
C SER C 98 -8.92 -14.14 23.97
N LEU C 99 -9.31 -12.93 23.54
CA LEU C 99 -8.90 -12.37 22.27
C LEU C 99 -7.48 -11.82 22.37
N ALA C 100 -7.02 -11.53 23.59
CA ALA C 100 -5.68 -11.03 23.83
C ALA C 100 -4.65 -12.09 23.47
N GLN C 101 -4.97 -13.36 23.76
CA GLN C 101 -4.06 -14.47 23.55
C GLN C 101 -4.08 -14.90 22.08
N LEU C 102 -5.24 -14.77 21.43
CA LEU C 102 -5.36 -15.09 20.02
C LEU C 102 -4.58 -14.07 19.18
N TYR C 103 -4.72 -12.78 19.49
CA TYR C 103 -4.02 -11.73 18.79
C TYR C 103 -2.51 -11.85 18.97
N SER C 104 -2.07 -12.47 20.08
CA SER C 104 -0.65 -12.62 20.36
C SER C 104 -0.10 -13.87 19.67
N HIS C 105 -0.92 -14.91 19.56
CA HIS C 105 -0.58 -16.14 18.85
C HIS C 105 -0.43 -15.85 17.35
N TRP C 106 -1.39 -15.10 16.79
CA TRP C 106 -1.40 -14.78 15.38
C TRP C 106 -0.26 -13.83 15.03
N ALA C 107 0.06 -12.91 15.95
CA ALA C 107 1.08 -11.90 15.72
C ALA C 107 2.46 -12.55 15.66
N SER C 108 2.64 -13.63 16.43
CA SER C 108 3.93 -14.29 16.55
C SER C 108 4.26 -15.08 15.28
N VAL C 109 3.21 -15.46 14.51
CA VAL C 109 3.38 -16.33 13.36
C VAL C 109 3.04 -15.59 12.06
N ASP C 110 2.89 -14.26 12.13
CA ASP C 110 2.40 -13.49 10.99
C ASP C 110 2.63 -12.00 11.24
N SER C 111 3.70 -11.47 10.66
CA SER C 111 4.12 -10.10 10.90
C SER C 111 3.18 -9.10 10.25
N HIS C 112 2.45 -9.52 9.19
CA HIS C 112 1.47 -8.67 8.55
C HIS C 112 0.35 -8.36 9.54
N PHE C 113 -0.22 -9.43 10.12
CA PHE C 113 -1.28 -9.32 11.10
C PHE C 113 -0.86 -8.43 12.27
N GLN C 114 0.41 -8.57 12.69
CA GLN C 114 0.94 -7.82 13.82
C GLN C 114 0.86 -6.32 13.54
N ARG C 115 1.00 -5.91 12.26
CA ARG C 115 0.91 -4.51 11.89
C ARG C 115 -0.55 -4.04 11.91
N VAL C 116 -1.42 -4.81 11.25
CA VAL C 116 -2.82 -4.44 11.08
C VAL C 116 -3.53 -4.45 12.42
N ALA C 117 -3.24 -5.45 13.26
CA ALA C 117 -3.94 -5.69 14.51
C ALA C 117 -3.76 -4.54 15.49
N GLN C 118 -2.67 -3.78 15.37
CA GLN C 118 -2.42 -2.64 16.24
C GLN C 118 -3.67 -1.78 16.36
N LYS C 119 -4.24 -1.40 15.20
CA LYS C 119 -5.29 -0.40 15.14
C LYS C 119 -6.68 -1.02 15.19
N PHE C 120 -6.77 -2.35 15.16
CA PHE C 120 -8.07 -3.03 15.10
C PHE C 120 -8.17 -4.09 16.19
N GLN C 121 -8.21 -3.64 17.45
CA GLN C 121 -8.35 -4.53 18.59
C GLN C 121 -9.83 -4.75 18.87
N GLY C 122 -10.13 -5.85 19.56
CA GLY C 122 -11.47 -6.15 20.00
C GLY C 122 -12.38 -6.65 18.88
N VAL C 123 -11.78 -7.12 17.77
CA VAL C 123 -12.56 -7.76 16.74
C VAL C 123 -12.64 -9.25 17.06
N ARG C 124 -13.82 -9.68 17.53
CA ARG C 124 -14.09 -11.08 17.81
C ARG C 124 -15.30 -11.51 17.01
N LEU C 125 -15.76 -12.75 17.20
CA LEU C 125 -16.91 -13.23 16.47
C LEU C 125 -18.12 -13.44 17.38
N LEU C 126 -19.27 -13.05 16.83
CA LEU C 126 -20.57 -13.25 17.45
C LEU C 126 -21.01 -14.69 17.21
N ARG C 127 -21.55 -15.32 18.26
CA ARG C 127 -22.18 -16.64 18.15
C ARG C 127 -23.64 -16.44 17.75
N GLN C 128 -23.89 -16.40 16.43
CA GLN C 128 -25.17 -16.00 15.90
C GLN C 128 -26.14 -17.17 15.92
N ASP C 129 -27.43 -16.85 15.69
CA ASP C 129 -28.47 -17.85 15.51
C ASP C 129 -28.32 -18.44 14.11
N PRO C 130 -28.18 -19.78 13.99
CA PRO C 130 -28.03 -20.44 12.68
C PRO C 130 -28.98 -19.98 11.58
N THR C 131 -30.27 -19.82 11.93
CA THR C 131 -31.31 -19.50 10.97
C THR C 131 -31.11 -18.07 10.46
N GLU C 132 -30.86 -17.14 11.39
CA GLU C 132 -30.73 -15.73 11.06
C GLU C 132 -29.49 -15.53 10.18
N CYS C 133 -28.42 -16.27 10.50
CA CYS C 133 -27.14 -16.17 9.83
C CYS C 133 -27.28 -16.61 8.36
N LEU C 134 -27.95 -17.76 8.15
CA LEU C 134 -28.09 -18.38 6.84
C LEU C 134 -28.74 -17.39 5.88
N PHE C 135 -29.95 -16.94 6.21
CA PHE C 135 -30.80 -16.24 5.26
C PHE C 135 -30.30 -14.81 5.05
N SER C 136 -29.58 -14.28 6.04
CA SER C 136 -28.92 -13.00 5.91
C SER C 136 -27.83 -13.10 4.86
N PHE C 137 -27.01 -14.17 4.94
CA PHE C 137 -25.85 -14.33 4.09
C PHE C 137 -26.23 -14.87 2.71
N ILE C 138 -27.49 -15.28 2.52
CA ILE C 138 -27.99 -15.59 1.19
C ILE C 138 -28.26 -14.28 0.46
N CYS C 139 -28.47 -13.18 1.19
CA CYS C 139 -28.67 -11.87 0.60
C CYS C 139 -27.35 -11.18 0.32
N SER C 140 -26.22 -11.84 0.65
CA SER C 140 -24.88 -11.24 0.56
C SER C 140 -24.39 -11.19 -0.89
N SER C 141 -24.86 -12.14 -1.71
CA SER C 141 -24.40 -12.28 -3.09
C SER C 141 -24.40 -10.94 -3.82
N ASN C 142 -23.25 -10.57 -4.38
CA ASN C 142 -23.07 -9.34 -5.14
C ASN C 142 -23.73 -8.17 -4.40
N ASN C 143 -23.29 -7.91 -3.16
CA ASN C 143 -23.98 -6.99 -2.29
C ASN C 143 -23.01 -6.42 -1.25
N ASN C 144 -23.16 -5.12 -0.96
CA ASN C 144 -22.43 -4.46 0.11
C ASN C 144 -23.22 -4.60 1.40
N ILE C 145 -22.64 -4.14 2.52
CA ILE C 145 -23.25 -4.31 3.84
C ILE C 145 -24.50 -3.43 3.95
N ALA C 146 -24.43 -2.18 3.47
CA ALA C 146 -25.50 -1.21 3.64
C ALA C 146 -26.80 -1.69 3.00
N ARG C 147 -26.70 -2.39 1.86
CA ARG C 147 -27.88 -2.87 1.14
C ARG C 147 -28.35 -4.22 1.71
N ILE C 148 -27.42 -5.03 2.24
CA ILE C 148 -27.79 -6.27 2.91
C ILE C 148 -28.59 -5.93 4.17
N THR C 149 -28.15 -4.88 4.87
CA THR C 149 -28.82 -4.41 6.08
C THR C 149 -30.26 -4.04 5.78
N GLY C 150 -30.46 -3.19 4.76
CA GLY C 150 -31.79 -2.79 4.32
C GLY C 150 -32.67 -3.98 3.96
N MET C 151 -32.12 -4.94 3.21
CA MET C 151 -32.87 -6.08 2.72
C MET C 151 -33.27 -6.99 3.88
N VAL C 152 -32.40 -7.12 4.89
CA VAL C 152 -32.65 -8.00 6.03
C VAL C 152 -33.67 -7.36 6.96
N GLU C 153 -33.72 -6.03 6.98
CA GLU C 153 -34.71 -5.32 7.78
C GLU C 153 -36.10 -5.62 7.22
N ARG C 154 -36.28 -5.32 5.93
CA ARG C 154 -37.55 -5.43 5.25
C ARG C 154 -38.01 -6.89 5.19
N LEU C 155 -37.05 -7.81 5.08
CA LEU C 155 -37.36 -9.23 5.19
C LEU C 155 -37.99 -9.49 6.56
N CYS C 156 -37.38 -8.92 7.61
CA CYS C 156 -37.79 -9.18 8.98
C CYS C 156 -39.13 -8.50 9.30
N GLN C 157 -39.39 -7.33 8.71
CA GLN C 157 -40.64 -6.63 8.92
C GLN C 157 -41.80 -7.43 8.29
N ALA C 158 -41.52 -8.09 7.17
CA ALA C 158 -42.52 -8.85 6.44
C ALA C 158 -42.87 -10.13 7.21
N PHE C 159 -41.86 -10.98 7.43
CA PHE C 159 -42.08 -12.36 7.86
C PHE C 159 -41.91 -12.54 9.36
N GLY C 160 -41.43 -11.50 10.06
CA GLY C 160 -41.04 -11.63 11.45
C GLY C 160 -42.08 -11.03 12.41
N PRO C 161 -42.22 -11.62 13.63
CA PRO C 161 -43.15 -11.10 14.64
C PRO C 161 -42.75 -9.74 15.20
N ARG C 162 -43.69 -8.79 15.16
CA ARG C 162 -43.47 -7.44 15.65
C ARG C 162 -43.18 -7.48 17.14
N LEU C 163 -42.10 -6.81 17.58
CA LEU C 163 -41.60 -6.95 18.94
C LEU C 163 -41.90 -5.68 19.77
N ILE C 164 -41.40 -4.52 19.31
CA ILE C 164 -41.53 -3.28 20.05
C ILE C 164 -41.22 -2.11 19.12
N GLN C 165 -41.65 -0.90 19.53
CA GLN C 165 -41.29 0.32 18.83
C GLN C 165 -40.51 1.25 19.77
N LEU C 166 -39.38 1.78 19.24
CA LEU C 166 -38.58 2.77 19.93
C LEU C 166 -38.39 3.95 18.98
N ASP C 167 -38.62 5.16 19.48
CA ASP C 167 -38.69 6.34 18.61
C ASP C 167 -39.54 5.96 17.39
N ASP C 168 -39.01 6.16 16.18
CA ASP C 168 -39.78 5.94 14.97
C ASP C 168 -39.44 4.59 14.35
N VAL C 169 -38.62 3.78 15.05
CA VAL C 169 -38.12 2.53 14.53
C VAL C 169 -38.98 1.38 15.08
N THR C 170 -39.32 0.41 14.22
CA THR C 170 -40.18 -0.69 14.61
C THR C 170 -39.44 -2.03 14.45
N TYR C 171 -39.21 -2.71 15.57
CA TYR C 171 -38.36 -3.88 15.60
C TYR C 171 -39.18 -5.15 15.41
N HIS C 172 -38.78 -5.95 14.40
CA HIS C 172 -39.32 -7.27 14.20
C HIS C 172 -38.23 -8.31 14.51
N GLY C 173 -38.66 -9.47 15.02
CA GLY C 173 -37.76 -10.60 15.24
C GLY C 173 -37.42 -11.30 13.93
N PHE C 174 -36.49 -12.25 13.99
CA PHE C 174 -36.19 -13.07 12.83
C PHE C 174 -37.22 -14.19 12.75
N PRO C 175 -37.77 -14.48 11.55
CA PRO C 175 -38.75 -15.55 11.39
C PRO C 175 -38.23 -16.92 11.81
N ASN C 176 -39.17 -17.82 12.14
CA ASN C 176 -38.86 -19.22 12.37
C ASN C 176 -38.90 -19.93 11.01
N LEU C 177 -38.44 -21.19 11.00
CA LEU C 177 -38.36 -21.96 9.77
C LEU C 177 -39.74 -22.06 9.12
N HIS C 178 -40.75 -22.45 9.93
CA HIS C 178 -42.10 -22.70 9.43
C HIS C 178 -42.62 -21.52 8.62
N ALA C 179 -42.31 -20.29 9.09
CA ALA C 179 -42.76 -19.08 8.43
C ALA C 179 -42.20 -18.99 7.01
N LEU C 180 -40.94 -19.40 6.85
CA LEU C 180 -40.23 -19.27 5.58
C LEU C 180 -40.50 -20.47 4.68
N ALA C 181 -41.06 -21.54 5.23
CA ALA C 181 -41.20 -22.81 4.52
C ALA C 181 -42.55 -22.94 3.84
N GLY C 182 -43.45 -21.98 4.06
CA GLY C 182 -44.81 -22.04 3.53
C GLY C 182 -44.85 -21.89 2.01
N PRO C 183 -45.96 -22.31 1.35
CA PRO C 183 -46.04 -22.32 -0.11
C PRO C 183 -46.04 -20.94 -0.79
N GLU C 184 -46.36 -19.89 -0.03
CA GLU C 184 -46.40 -18.53 -0.55
C GLU C 184 -45.16 -17.75 -0.11
N ALA C 185 -44.18 -18.44 0.50
CA ALA C 185 -43.04 -17.78 1.13
C ALA C 185 -42.19 -17.05 0.09
N GLU C 186 -42.01 -17.67 -1.07
CA GLU C 186 -41.16 -17.13 -2.12
C GLU C 186 -41.76 -15.85 -2.71
N THR C 187 -43.09 -15.84 -2.88
CA THR C 187 -43.78 -14.80 -3.62
C THR C 187 -43.48 -13.42 -3.05
N HIS C 188 -43.79 -13.24 -1.76
CA HIS C 188 -43.77 -11.95 -1.08
C HIS C 188 -42.37 -11.35 -1.15
N LEU C 189 -41.36 -12.18 -0.83
CA LEU C 189 -39.97 -11.76 -0.72
C LEU C 189 -39.55 -11.02 -1.99
N ARG C 190 -39.91 -11.58 -3.15
CA ARG C 190 -39.43 -11.14 -4.45
C ARG C 190 -39.75 -9.66 -4.67
N LYS C 191 -40.84 -9.19 -4.07
CA LYS C 191 -41.36 -7.84 -4.27
C LYS C 191 -40.35 -6.78 -3.81
N LEU C 192 -39.49 -7.15 -2.83
CA LEU C 192 -38.63 -6.20 -2.14
C LEU C 192 -37.39 -5.88 -2.99
N GLY C 193 -37.04 -6.78 -3.90
CA GLY C 193 -35.84 -6.64 -4.73
C GLY C 193 -34.71 -7.55 -4.26
N LEU C 194 -35.09 -8.73 -3.72
CA LEU C 194 -34.14 -9.75 -3.31
C LEU C 194 -33.78 -10.64 -4.49
N GLY C 195 -34.61 -10.62 -5.55
CA GLY C 195 -34.35 -11.35 -6.76
C GLY C 195 -34.23 -12.86 -6.52
N TYR C 196 -33.18 -13.45 -7.10
CA TYR C 196 -32.95 -14.89 -7.10
C TYR C 196 -32.85 -15.46 -5.67
N ARG C 197 -32.46 -14.61 -4.72
CA ARG C 197 -32.25 -15.02 -3.35
C ARG C 197 -33.56 -15.45 -2.71
N ALA C 198 -34.67 -14.83 -3.15
CA ALA C 198 -36.01 -15.16 -2.68
C ALA C 198 -36.29 -16.65 -2.85
N ARG C 199 -35.80 -17.23 -3.95
CA ARG C 199 -36.11 -18.61 -4.31
C ARG C 199 -35.47 -19.58 -3.31
N TYR C 200 -34.17 -19.36 -3.06
CA TYR C 200 -33.37 -20.28 -2.25
C TYR C 200 -33.84 -20.27 -0.80
N VAL C 201 -34.35 -19.11 -0.35
CA VAL C 201 -34.89 -18.95 0.99
C VAL C 201 -35.91 -20.07 1.25
N ARG C 202 -36.99 -20.08 0.48
CA ARG C 202 -38.11 -21.00 0.70
C ARG C 202 -37.62 -22.45 0.68
N ALA C 203 -36.93 -22.81 -0.41
CA ALA C 203 -36.55 -24.20 -0.67
C ALA C 203 -35.69 -24.73 0.47
N SER C 204 -34.76 -23.91 0.95
CA SER C 204 -33.82 -24.29 2.00
C SER C 204 -34.54 -24.46 3.33
N ALA C 205 -35.43 -23.51 3.66
CA ALA C 205 -36.25 -23.59 4.87
C ALA C 205 -37.07 -24.89 4.86
N LYS C 206 -37.71 -25.14 3.71
CA LYS C 206 -38.56 -26.30 3.52
C LYS C 206 -37.75 -27.59 3.65
N ALA C 207 -36.51 -27.57 3.14
CA ALA C 207 -35.65 -28.75 3.10
C ALA C 207 -35.20 -29.13 4.51
N ILE C 208 -34.75 -28.14 5.29
CA ILE C 208 -34.20 -28.38 6.62
C ILE C 208 -35.25 -29.05 7.50
N LEU C 209 -36.48 -28.54 7.48
CA LEU C 209 -37.57 -29.10 8.25
C LEU C 209 -37.79 -30.55 7.84
N GLU C 210 -37.96 -30.76 6.53
CA GLU C 210 -38.20 -32.09 5.97
C GLU C 210 -36.87 -32.85 5.89
N GLY C 214 -35.74 -30.64 11.25
CA GLY C 214 -36.08 -29.41 11.99
C GLY C 214 -34.86 -28.52 12.23
N PRO C 215 -34.95 -27.52 13.14
CA PRO C 215 -33.79 -26.70 13.52
C PRO C 215 -32.80 -27.34 14.49
N ALA C 216 -33.12 -28.55 14.99
CA ALA C 216 -32.21 -29.31 15.83
C ALA C 216 -31.06 -29.87 14.99
N TRP C 217 -31.28 -29.99 13.67
CA TRP C 217 -30.25 -30.38 12.73
C TRP C 217 -29.07 -29.42 12.79
N LEU C 218 -29.38 -28.12 12.92
CA LEU C 218 -28.36 -27.08 12.90
C LEU C 218 -27.60 -27.06 14.23
N GLN C 219 -28.21 -27.62 15.28
CA GLN C 219 -27.57 -27.78 16.57
C GLN C 219 -26.64 -29.00 16.56
N GLN C 220 -26.98 -30.01 15.75
CA GLN C 220 -26.11 -31.16 15.56
C GLN C 220 -24.78 -30.71 14.95
N LEU C 221 -24.87 -29.81 13.97
CA LEU C 221 -23.72 -29.33 13.23
C LEU C 221 -22.79 -28.52 14.14
N ARG C 222 -23.35 -27.99 15.24
CA ARG C 222 -22.58 -27.20 16.20
C ARG C 222 -21.64 -28.09 17.01
N VAL C 223 -22.01 -29.37 17.19
CA VAL C 223 -21.18 -30.31 17.93
C VAL C 223 -20.42 -31.20 16.95
N ALA C 224 -20.94 -31.37 15.73
CA ALA C 224 -20.24 -32.10 14.68
C ALA C 224 -18.93 -31.39 14.35
N PRO C 225 -17.86 -32.12 13.97
CA PRO C 225 -16.60 -31.48 13.54
C PRO C 225 -16.77 -30.64 12.27
N TYR C 226 -15.91 -29.62 12.13
CA TYR C 226 -16.02 -28.61 11.09
C TYR C 226 -16.29 -29.24 9.72
N GLU C 227 -15.46 -30.23 9.37
CA GLU C 227 -15.45 -30.80 8.02
C GLU C 227 -16.81 -31.40 7.69
N GLU C 228 -17.42 -32.08 8.67
CA GLU C 228 -18.73 -32.69 8.50
C GLU C 228 -19.79 -31.61 8.28
N ALA C 229 -19.72 -30.55 9.11
CA ALA C 229 -20.70 -29.47 9.09
C ALA C 229 -20.66 -28.74 7.75
N HIS C 230 -19.46 -28.43 7.28
CA HIS C 230 -19.27 -27.70 6.03
C HIS C 230 -19.88 -28.48 4.87
N LYS C 231 -19.60 -29.79 4.83
CA LYS C 231 -20.13 -30.68 3.82
C LYS C 231 -21.66 -30.64 3.85
N ALA C 232 -22.22 -30.74 5.06
CA ALA C 232 -23.66 -30.83 5.25
C ALA C 232 -24.36 -29.55 4.79
N LEU C 233 -23.78 -28.40 5.14
CA LEU C 233 -24.34 -27.10 4.76
C LEU C 233 -24.38 -26.96 3.24
N CYS C 234 -23.41 -27.56 2.54
CA CYS C 234 -23.27 -27.41 1.11
C CYS C 234 -24.33 -28.24 0.36
N THR C 235 -25.07 -29.08 1.08
CA THR C 235 -26.18 -29.84 0.51
C THR C 235 -27.34 -28.92 0.16
N LEU C 236 -27.46 -27.79 0.88
CA LEU C 236 -28.63 -26.94 0.80
C LEU C 236 -28.60 -26.12 -0.50
N PRO C 237 -29.78 -25.86 -1.10
CA PRO C 237 -29.90 -24.85 -2.16
C PRO C 237 -29.45 -23.48 -1.70
N GLY C 238 -28.76 -22.74 -2.58
CA GLY C 238 -28.36 -21.37 -2.32
C GLY C 238 -27.01 -21.26 -1.61
N VAL C 239 -26.51 -22.40 -1.07
CA VAL C 239 -25.36 -22.41 -0.19
C VAL C 239 -24.14 -22.91 -0.96
N GLY C 240 -23.17 -22.01 -1.16
CA GLY C 240 -21.92 -22.34 -1.83
C GLY C 240 -20.81 -22.67 -0.84
N ALA C 241 -19.64 -22.05 -1.03
CA ALA C 241 -18.47 -22.28 -0.20
C ALA C 241 -18.26 -21.12 0.76
N LYS C 242 -18.38 -19.89 0.22
CA LYS C 242 -18.17 -18.67 0.99
C LYS C 242 -19.26 -18.55 2.04
N VAL C 243 -20.52 -18.55 1.59
CA VAL C 243 -21.67 -18.41 2.48
C VAL C 243 -21.64 -19.53 3.52
N ALA C 244 -21.30 -20.76 3.09
CA ALA C 244 -21.26 -21.89 4.00
C ALA C 244 -20.23 -21.64 5.10
N ASP C 245 -19.06 -21.11 4.70
CA ASP C 245 -17.96 -20.90 5.65
C ASP C 245 -18.33 -19.76 6.61
N CYS C 246 -19.03 -18.75 6.12
CA CYS C 246 -19.50 -17.65 6.96
C CYS C 246 -20.38 -18.19 8.08
N ILE C 247 -21.31 -19.09 7.71
CA ILE C 247 -22.24 -19.69 8.64
C ILE C 247 -21.49 -20.54 9.66
N CYS C 248 -20.60 -21.41 9.18
CA CYS C 248 -19.85 -22.32 10.05
C CYS C 248 -19.07 -21.53 11.09
N LEU C 249 -18.43 -20.46 10.62
CA LEU C 249 -17.54 -19.66 11.44
C LEU C 249 -18.32 -18.94 12.53
N MET C 250 -19.47 -18.37 12.14
CA MET C 250 -20.20 -17.46 12.99
C MET C 250 -21.14 -18.24 13.91
N ALA C 251 -21.98 -19.11 13.32
CA ALA C 251 -23.06 -19.76 14.04
C ALA C 251 -22.59 -21.06 14.70
N LEU C 252 -21.81 -21.88 14.00
CA LEU C 252 -21.67 -23.29 14.35
C LEU C 252 -20.36 -23.59 15.08
N ASP C 253 -19.80 -22.59 15.78
CA ASP C 253 -18.58 -22.79 16.56
C ASP C 253 -17.51 -23.50 15.76
N LYS C 254 -17.29 -23.06 14.52
CA LYS C 254 -16.18 -23.54 13.69
C LYS C 254 -15.20 -22.38 13.51
N PRO C 255 -14.35 -22.08 14.52
CA PRO C 255 -13.41 -20.96 14.42
C PRO C 255 -12.32 -21.10 13.35
N GLN C 256 -12.18 -22.32 12.80
CA GLN C 256 -11.14 -22.58 11.80
C GLN C 256 -11.66 -22.34 10.38
N ALA C 257 -12.98 -22.15 10.23
CA ALA C 257 -13.57 -21.90 8.92
C ALA C 257 -13.08 -20.55 8.38
N VAL C 258 -12.78 -20.50 7.07
CA VAL C 258 -12.23 -19.30 6.46
C VAL C 258 -12.99 -19.00 5.17
N PRO C 259 -13.96 -18.05 5.20
CA PRO C 259 -14.65 -17.63 3.98
C PRO C 259 -13.69 -17.06 2.95
N VAL C 260 -13.80 -17.51 1.70
CA VAL C 260 -12.91 -17.06 0.64
C VAL C 260 -13.72 -16.36 -0.45
N ASP C 261 -13.65 -15.03 -0.45
CA ASP C 261 -14.28 -14.19 -1.46
C ASP C 261 -13.18 -13.65 -2.38
N VAL C 262 -13.48 -12.56 -3.10
CA VAL C 262 -12.53 -11.92 -3.98
C VAL C 262 -11.65 -10.96 -3.17
N HIS C 263 -12.15 -10.56 -1.99
CA HIS C 263 -11.47 -9.60 -1.13
C HIS C 263 -10.31 -10.28 -0.41
N VAL C 264 -10.54 -11.49 0.13
CA VAL C 264 -9.51 -12.23 0.83
C VAL C 264 -8.53 -12.81 -0.19
N TRP C 265 -9.00 -13.03 -1.43
CA TRP C 265 -8.13 -13.49 -2.51
C TRP C 265 -7.12 -12.40 -2.86
N GLN C 266 -7.56 -11.15 -2.70
CA GLN C 266 -6.77 -9.96 -2.97
C GLN C 266 -5.76 -9.75 -1.84
N ILE C 267 -6.21 -9.96 -0.60
CA ILE C 267 -5.39 -9.83 0.58
C ILE C 267 -4.25 -10.86 0.53
N ALA C 268 -4.62 -12.12 0.28
CA ALA C 268 -3.66 -13.22 0.22
C ALA C 268 -2.53 -12.86 -0.74
N HIS C 269 -2.90 -12.51 -1.98
CA HIS C 269 -1.93 -12.25 -3.01
C HIS C 269 -1.06 -11.05 -2.64
N ARG C 270 -1.69 -9.91 -2.32
CA ARG C 270 -0.97 -8.66 -2.15
C ARG C 270 -0.11 -8.71 -0.88
N ASP C 271 -0.72 -9.17 0.21
CA ASP C 271 -0.13 -9.01 1.53
C ASP C 271 0.64 -10.27 1.96
N TYR C 272 0.30 -11.44 1.39
CA TYR C 272 0.98 -12.68 1.75
C TYR C 272 1.78 -13.26 0.58
N GLY C 273 1.71 -12.65 -0.61
CA GLY C 273 2.40 -13.17 -1.78
C GLY C 273 1.92 -14.57 -2.17
N TRP C 274 0.69 -14.93 -1.78
CA TRP C 274 0.18 -16.26 -2.05
C TRP C 274 -0.38 -16.33 -3.48
N HIS C 275 0.01 -17.40 -4.19
CA HIS C 275 -0.64 -17.83 -5.42
C HIS C 275 -1.09 -19.27 -5.19
N PRO C 276 -2.01 -19.83 -6.01
CA PRO C 276 -2.40 -21.24 -5.87
C PRO C 276 -1.31 -22.15 -6.40
N LYS C 277 -0.80 -23.01 -5.51
CA LYS C 277 0.44 -23.74 -5.74
C LYS C 277 0.11 -25.07 -6.41
N THR C 278 -1.19 -25.35 -6.59
CA THR C 278 -1.66 -26.41 -7.46
C THR C 278 -1.39 -26.01 -8.91
N SER C 279 -1.30 -24.70 -9.16
CA SER C 279 -0.66 -24.16 -10.35
C SER C 279 -1.38 -24.61 -11.63
N GLN C 280 -2.72 -24.67 -11.58
CA GLN C 280 -3.52 -24.90 -12.78
C GLN C 280 -3.79 -23.57 -13.45
N ALA C 281 -4.35 -22.63 -12.68
CA ALA C 281 -4.57 -21.26 -13.11
C ALA C 281 -4.21 -20.32 -11.96
N LYS C 282 -4.14 -19.01 -12.27
CA LYS C 282 -4.02 -17.99 -11.23
C LYS C 282 -5.27 -17.11 -11.26
N GLY C 283 -6.43 -17.74 -11.46
CA GLY C 283 -7.72 -17.11 -11.23
C GLY C 283 -8.41 -17.72 -10.01
N PRO C 284 -9.41 -17.05 -9.40
CA PRO C 284 -10.27 -17.69 -8.41
C PRO C 284 -11.03 -18.88 -9.00
N SER C 285 -11.15 -19.94 -8.20
CA SER C 285 -11.93 -21.12 -8.56
C SER C 285 -12.23 -21.91 -7.28
N PRO C 286 -13.23 -22.82 -7.28
CA PRO C 286 -13.51 -23.65 -6.11
C PRO C 286 -12.26 -24.30 -5.50
N LEU C 287 -11.41 -24.86 -6.36
CA LEU C 287 -10.23 -25.60 -5.94
C LEU C 287 -9.19 -24.66 -5.34
N ALA C 288 -8.98 -23.51 -5.98
CA ALA C 288 -8.04 -22.51 -5.49
C ALA C 288 -8.51 -21.98 -4.14
N ASN C 289 -9.81 -21.63 -4.10
CA ASN C 289 -10.45 -21.02 -2.94
C ASN C 289 -10.38 -21.96 -1.73
N LYS C 290 -10.62 -23.25 -1.96
CA LYS C 290 -10.42 -24.22 -0.88
C LYS C 290 -8.96 -24.20 -0.44
N GLU C 291 -8.03 -24.16 -1.40
CA GLU C 291 -6.62 -24.22 -1.08
C GLU C 291 -6.23 -23.04 -0.19
N LEU C 292 -6.77 -21.85 -0.52
CA LEU C 292 -6.43 -20.65 0.24
C LEU C 292 -6.99 -20.74 1.65
N GLY C 293 -8.16 -21.39 1.79
CA GLY C 293 -8.73 -21.67 3.10
C GLY C 293 -7.74 -22.44 3.97
N ASN C 294 -7.15 -23.49 3.38
CA ASN C 294 -6.20 -24.35 4.06
C ASN C 294 -4.93 -23.57 4.38
N PHE C 295 -4.45 -22.77 3.43
CA PHE C 295 -3.26 -21.95 3.63
C PHE C 295 -3.39 -21.18 4.95
N PHE C 296 -4.55 -20.57 5.19
CA PHE C 296 -4.75 -19.69 6.33
C PHE C 296 -4.91 -20.48 7.63
N ARG C 297 -5.59 -21.64 7.57
CA ARG C 297 -5.66 -22.53 8.72
C ARG C 297 -4.27 -23.00 9.14
N ASN C 298 -3.39 -23.26 8.16
CA ASN C 298 -2.03 -23.70 8.42
C ASN C 298 -1.25 -22.58 9.12
N LEU C 299 -1.48 -21.32 8.69
CA LEU C 299 -0.70 -20.19 9.14
C LEU C 299 -1.15 -19.74 10.53
N TRP C 300 -2.48 -19.60 10.73
CA TRP C 300 -3.01 -18.96 11.92
C TRP C 300 -3.34 -19.99 13.01
N GLY C 301 -3.88 -21.14 12.61
CA GLY C 301 -4.13 -22.23 13.54
C GLY C 301 -5.61 -22.58 13.61
N PRO C 302 -6.15 -22.92 14.80
CA PRO C 302 -7.54 -23.38 14.92
C PRO C 302 -8.58 -22.27 14.95
N TYR C 303 -8.15 -21.02 15.17
CA TYR C 303 -9.04 -19.86 15.19
C TYR C 303 -8.82 -19.01 13.95
N ALA C 304 -8.59 -19.65 12.80
CA ALA C 304 -8.19 -18.96 11.59
C ALA C 304 -9.30 -18.02 11.13
N GLY C 305 -10.56 -18.47 11.26
CA GLY C 305 -11.72 -17.68 10.89
C GLY C 305 -11.86 -16.38 11.69
N TRP C 306 -11.33 -16.35 12.91
CA TRP C 306 -11.39 -15.16 13.75
C TRP C 306 -10.33 -14.16 13.30
N ALA C 307 -9.14 -14.67 12.99
CA ALA C 307 -8.05 -13.84 12.47
C ALA C 307 -8.49 -13.21 11.15
N GLN C 308 -9.05 -14.03 10.26
CA GLN C 308 -9.55 -13.55 8.99
C GLN C 308 -10.53 -12.39 9.21
N ALA C 309 -11.41 -12.51 10.20
CA ALA C 309 -12.42 -11.48 10.48
C ALA C 309 -11.78 -10.17 10.94
N VAL C 310 -10.59 -10.26 11.58
CA VAL C 310 -9.84 -9.08 11.95
C VAL C 310 -9.38 -8.35 10.69
N LEU C 311 -8.90 -9.11 9.69
CA LEU C 311 -8.34 -8.51 8.48
C LEU C 311 -9.47 -8.01 7.58
N PHE C 312 -10.54 -8.80 7.46
CA PHE C 312 -11.72 -8.41 6.69
C PHE C 312 -12.26 -7.09 7.25
N SER C 313 -12.35 -7.03 8.59
CA SER C 313 -12.90 -5.89 9.30
C SER C 313 -12.01 -4.66 9.18
N ALA C 314 -10.70 -4.87 8.97
CA ALA C 314 -9.75 -3.79 8.81
C ALA C 314 -9.75 -3.25 7.37
N ASP C 315 -10.17 -4.09 6.42
CA ASP C 315 -10.11 -3.76 5.00
C ASP C 315 -11.35 -2.96 4.60
N LEU C 316 -12.26 -2.71 5.56
CA LEU C 316 -13.39 -1.82 5.36
C LEU C 316 -12.98 -0.39 5.67
N ARG C 317 -12.31 -0.19 6.82
CA ARG C 317 -11.95 1.13 7.31
C ARG C 317 -10.47 1.42 6.98
#